data_6ZS0
#
_entry.id   6ZS0
#
_cell.length_a   44.880
_cell.length_b   70.454
_cell.length_c   91.145
_cell.angle_alpha   90.000
_cell.angle_beta   92.946
_cell.angle_gamma   90.000
#
_symmetry.space_group_name_H-M   'P 1 21 1'
#
loop_
_entity.id
_entity.type
_entity.pdbx_description
1 polymer 'DMATS type aromatic prenyltransferase'
2 non-polymer DI(HYDROXYETHYL)ETHER
3 water water
#
_entity_poly.entity_id   1
_entity_poly.type   'polypeptide(L)'
_entity_poly.pdbx_seq_one_letter_code
;MDASTLGSFTGGQLRRLGSVAGLSRADVETYAQVLTDALGPVAQRPLSLAPPTRTFLSDDHTPVEFSLSFRPGAAPAMRV
LVEPGCGATSLADNGRAGLEAVRTMARRWHFTTDALDELLDLFLPPAPQGPLALWCALELRPGGVPGVKVYLNPAVGGEE
RSAATVREALRRLGHHQAFDSLPQGSGYPFLALDLGNWTEPRAKVYLRHDNLTAGRAARLSRTDSGLVPTAVEGFFRTAA
GPGSDAGGLDGRPAQSCHSFTDPGAERPSGFTLYIPVRDYVRHDGEALARASTVLHHHGMDASVLHRALAALTERRPEDG
VGLIAYLALAGQRDQPPRVTAYLSSEAYTVRPPVVELVPRGSHHHHHHHH
;
_entity_poly.pdbx_strand_id   AAA,BBB
#
loop_
_chem_comp.id
_chem_comp.type
_chem_comp.name
_chem_comp.formula
PEG non-polymer DI(HYDROXYETHYL)ETHER 'C4 H10 O3'
#
# COMPACT_ATOMS: atom_id res chain seq x y z
N MET A 1 10.94 -19.05 -28.32
CA MET A 1 10.22 -18.95 -29.64
C MET A 1 9.51 -17.60 -29.70
N ASP A 2 8.20 -17.57 -29.48
CA ASP A 2 7.41 -16.32 -29.53
C ASP A 2 7.42 -15.66 -28.13
N ALA A 3 7.37 -14.33 -28.12
CA ALA A 3 7.27 -13.50 -26.90
C ALA A 3 6.01 -13.90 -26.12
N SER A 4 6.08 -13.88 -24.81
CA SER A 4 4.95 -14.26 -23.93
C SER A 4 3.85 -13.19 -24.04
N THR A 5 2.62 -13.63 -24.04
CA THR A 5 1.43 -12.77 -24.11
C THR A 5 0.62 -12.98 -22.83
N LEU A 6 -0.32 -12.13 -22.58
CA LEU A 6 -1.24 -12.38 -21.46
C LEU A 6 -1.88 -13.74 -21.65
N GLY A 7 -2.31 -14.08 -22.88
CA GLY A 7 -2.96 -15.38 -23.16
C GLY A 7 -2.03 -16.56 -22.95
N SER A 8 -0.79 -16.50 -23.46
CA SER A 8 0.13 -17.65 -23.34
C SER A 8 0.51 -17.83 -21.87
N PHE A 9 0.73 -16.73 -21.16
CA PHE A 9 1.22 -16.78 -19.77
C PHE A 9 0.12 -17.28 -18.85
N THR A 10 -1.06 -16.68 -18.90
CA THR A 10 -2.19 -17.05 -18.00
C THR A 10 -2.72 -18.42 -18.41
N GLY A 11 -2.61 -18.75 -19.69
CA GLY A 11 -3.00 -20.08 -20.22
C GLY A 11 -2.11 -21.16 -19.69
N GLY A 12 -0.80 -20.92 -19.67
CA GLY A 12 0.18 -21.83 -19.09
C GLY A 12 -0.13 -22.06 -17.63
N GLN A 13 -0.47 -20.99 -16.89
CA GLN A 13 -0.84 -21.10 -15.48
C GLN A 13 -2.11 -21.94 -15.34
N LEU A 14 -3.12 -21.70 -16.17
CA LEU A 14 -4.40 -22.43 -16.09
C LEU A 14 -4.10 -23.92 -16.29
N ARG A 15 -3.27 -24.26 -17.27
CA ARG A 15 -2.96 -25.66 -17.61
C ARG A 15 -2.24 -26.34 -16.46
N ARG A 16 -1.22 -25.69 -15.90
CA ARG A 16 -0.40 -26.31 -14.83
C ARG A 16 -1.24 -26.42 -13.56
N LEU A 17 -2.00 -25.38 -13.22
CA LEU A 17 -2.87 -25.41 -12.03
C LEU A 17 -3.97 -26.45 -12.23
N GLY A 18 -4.57 -26.51 -13.41
CA GLY A 18 -5.65 -27.48 -13.74
C GLY A 18 -5.17 -28.91 -13.50
N SER A 19 -3.94 -29.20 -13.89
CA SER A 19 -3.35 -30.56 -13.72
C SER A 19 -3.14 -30.84 -12.23
N VAL A 20 -2.61 -29.87 -11.49
CA VAL A 20 -2.46 -29.98 -10.02
C VAL A 20 -3.83 -30.29 -9.40
N ALA A 21 -4.91 -29.69 -9.91
CA ALA A 21 -6.29 -29.85 -9.39
C ALA A 21 -6.91 -31.18 -9.86
N GLY A 22 -6.19 -31.97 -10.66
CA GLY A 22 -6.61 -33.29 -11.13
C GLY A 22 -7.46 -33.27 -12.40
N LEU A 23 -7.58 -32.14 -13.10
CA LEU A 23 -8.34 -32.09 -14.38
C LEU A 23 -7.60 -32.88 -15.45
N SER A 24 -8.34 -33.50 -16.36
CA SER A 24 -7.82 -34.26 -17.53
C SER A 24 -7.15 -33.30 -18.52
N ARG A 25 -6.20 -33.80 -19.32
CA ARG A 25 -5.61 -33.04 -20.44
C ARG A 25 -6.75 -32.43 -21.27
N ALA A 26 -7.83 -33.19 -21.53
CA ALA A 26 -8.96 -32.78 -22.41
C ALA A 26 -9.66 -31.55 -21.80
N ASP A 27 -10.03 -31.62 -20.53
CA ASP A 27 -10.70 -30.53 -19.79
C ASP A 27 -9.78 -29.31 -19.69
N VAL A 28 -8.50 -29.51 -19.45
CA VAL A 28 -7.53 -28.40 -19.35
C VAL A 28 -7.46 -27.69 -20.71
N GLU A 29 -7.40 -28.45 -21.80
CA GLU A 29 -7.37 -27.88 -23.16
C GLU A 29 -8.66 -27.09 -23.40
N THR A 30 -9.81 -27.65 -23.04
CA THR A 30 -11.13 -26.96 -23.21
C THR A 30 -11.05 -25.60 -22.48
N TYR A 31 -10.58 -25.60 -21.24
CA TYR A 31 -10.67 -24.40 -20.37
C TYR A 31 -9.63 -23.35 -20.74
N ALA A 32 -8.46 -23.78 -21.21
CA ALA A 32 -7.44 -22.87 -21.76
C ALA A 32 -8.05 -22.10 -22.94
N GLN A 33 -8.79 -22.79 -23.81
CA GLN A 33 -9.47 -22.16 -24.96
C GLN A 33 -10.54 -21.18 -24.44
N VAL A 34 -11.28 -21.56 -23.40
CA VAL A 34 -12.35 -20.70 -22.83
C VAL A 34 -11.71 -19.39 -22.30
N LEU A 35 -10.55 -19.49 -21.65
CA LEU A 35 -9.89 -18.31 -21.01
C LEU A 35 -9.37 -17.41 -22.12
N THR A 36 -8.71 -17.99 -23.13
CA THR A 36 -8.23 -17.21 -24.30
C THR A 36 -9.40 -16.46 -24.91
N ASP A 37 -10.53 -17.13 -25.15
CA ASP A 37 -11.69 -16.48 -25.81
C ASP A 37 -12.28 -15.40 -24.89
N ALA A 38 -12.33 -15.66 -23.60
CA ALA A 38 -12.86 -14.71 -22.58
C ALA A 38 -12.01 -13.44 -22.56
N LEU A 39 -10.68 -13.56 -22.69
CA LEU A 39 -9.78 -12.38 -22.70
C LEU A 39 -9.97 -11.56 -23.97
N GLY A 40 -10.44 -12.18 -25.06
CA GLY A 40 -10.59 -11.53 -26.36
C GLY A 40 -9.29 -10.89 -26.81
N PRO A 41 -9.31 -9.65 -27.32
CA PRO A 41 -8.14 -9.07 -27.98
C PRO A 41 -6.89 -9.05 -27.11
N VAL A 42 -7.04 -8.80 -25.80
N VAL A 42 -7.07 -8.83 -25.82
CA VAL A 42 -5.86 -8.62 -24.91
CA VAL A 42 -5.93 -8.61 -24.90
C VAL A 42 -5.12 -9.94 -24.71
C VAL A 42 -5.15 -9.92 -24.70
N ALA A 43 -5.71 -11.08 -25.05
CA ALA A 43 -4.99 -12.39 -24.92
C ALA A 43 -3.68 -12.30 -25.72
N GLN A 44 -3.70 -11.55 -26.83
CA GLN A 44 -2.57 -11.46 -27.77
C GLN A 44 -1.59 -10.35 -27.32
N ARG A 45 -1.88 -9.67 -26.22
CA ARG A 45 -1.05 -8.52 -25.77
C ARG A 45 0.28 -9.02 -25.24
N PRO A 46 1.44 -8.61 -25.78
CA PRO A 46 2.72 -9.01 -25.21
C PRO A 46 2.88 -8.52 -23.78
N LEU A 47 3.54 -9.32 -22.94
CA LEU A 47 3.75 -8.96 -21.51
C LEU A 47 4.80 -7.85 -21.39
N SER A 48 5.53 -7.55 -22.46
CA SER A 48 6.52 -6.45 -22.51
C SER A 48 5.82 -5.09 -22.55
N LEU A 49 4.53 -5.06 -22.89
CA LEU A 49 3.72 -3.82 -22.86
C LEU A 49 3.20 -3.60 -21.45
N ALA A 50 2.97 -2.35 -21.08
CA ALA A 50 2.25 -2.00 -19.84
C ALA A 50 0.95 -2.78 -19.78
N PRO A 51 0.38 -3.02 -18.58
CA PRO A 51 -0.95 -3.61 -18.49
C PRO A 51 -1.98 -2.75 -19.21
N PRO A 52 -2.98 -3.35 -19.90
CA PRO A 52 -3.83 -2.63 -20.87
C PRO A 52 -4.76 -1.55 -20.30
N THR A 53 -5.29 -1.80 -19.11
CA THR A 53 -6.02 -0.84 -18.26
C THR A 53 -5.61 -1.16 -16.82
N ARG A 54 -5.75 -0.20 -15.91
CA ARG A 54 -5.40 -0.42 -14.49
C ARG A 54 -6.52 -1.25 -13.86
N THR A 55 -6.71 -2.47 -14.36
N THR A 55 -6.70 -2.48 -14.35
CA THR A 55 -7.76 -3.38 -13.88
CA THR A 55 -7.75 -3.40 -13.84
C THR A 55 -7.54 -3.59 -12.39
C THR A 55 -7.54 -3.54 -12.34
N PHE A 56 -8.60 -3.56 -11.60
CA PHE A 56 -8.52 -3.66 -10.14
C PHE A 56 -8.78 -5.12 -9.78
N LEU A 57 -8.78 -6.00 -10.78
CA LEU A 57 -8.94 -7.46 -10.56
C LEU A 57 -7.76 -8.00 -9.74
N SER A 58 -6.54 -7.49 -9.94
CA SER A 58 -5.35 -7.93 -9.15
C SER A 58 -4.43 -6.72 -8.91
N ASP A 59 -3.54 -6.80 -7.92
CA ASP A 59 -2.67 -5.68 -7.51
C ASP A 59 -1.79 -5.24 -8.67
N ASP A 60 -1.32 -6.17 -9.50
CA ASP A 60 -0.41 -5.79 -10.60
C ASP A 60 -1.17 -5.60 -11.92
N HIS A 61 -2.49 -5.62 -11.88
CA HIS A 61 -3.38 -5.30 -13.02
C HIS A 61 -3.38 -6.45 -14.03
N THR A 62 -2.98 -7.67 -13.63
CA THR A 62 -3.28 -8.84 -14.48
C THR A 62 -4.80 -9.07 -14.46
N PRO A 63 -5.50 -9.19 -15.63
CA PRO A 63 -6.94 -9.34 -15.59
C PRO A 63 -7.43 -10.77 -15.44
N VAL A 64 -6.65 -11.58 -14.73
CA VAL A 64 -6.91 -13.00 -14.43
C VAL A 64 -6.46 -13.25 -13.01
N GLU A 65 -7.23 -14.04 -12.29
CA GLU A 65 -6.86 -14.54 -10.94
C GLU A 65 -7.36 -15.96 -10.85
N PHE A 66 -6.67 -16.79 -10.10
CA PHE A 66 -7.08 -18.20 -9.93
C PHE A 66 -7.51 -18.41 -8.49
N SER A 67 -8.28 -19.46 -8.27
CA SER A 67 -8.56 -19.92 -6.89
C SER A 67 -8.64 -21.44 -6.86
N LEU A 68 -8.30 -22.00 -5.72
CA LEU A 68 -8.53 -23.43 -5.40
C LEU A 68 -9.34 -23.50 -4.13
N SER A 69 -10.48 -24.18 -4.19
N SER A 69 -10.47 -24.16 -4.21
CA SER A 69 -11.42 -24.38 -3.05
CA SER A 69 -11.38 -24.40 -3.07
C SER A 69 -11.35 -25.84 -2.59
C SER A 69 -11.21 -25.84 -2.61
N PHE A 70 -11.06 -26.03 -1.31
CA PHE A 70 -10.84 -27.34 -0.64
C PHE A 70 -12.07 -27.66 0.22
N ARG A 71 -12.70 -28.82 -0.03
CA ARG A 71 -13.86 -29.36 0.74
C ARG A 71 -13.42 -30.74 1.27
N PRO A 72 -13.68 -31.09 2.55
CA PRO A 72 -13.21 -32.36 3.10
C PRO A 72 -13.75 -33.52 2.27
N GLY A 73 -12.87 -34.40 1.79
CA GLY A 73 -13.23 -35.59 0.99
C GLY A 73 -13.50 -35.31 -0.48
N ALA A 74 -13.34 -34.08 -0.93
CA ALA A 74 -13.61 -33.69 -2.33
C ALA A 74 -12.30 -33.37 -3.04
N ALA A 75 -12.28 -33.55 -4.35
CA ALA A 75 -11.17 -33.07 -5.18
C ALA A 75 -11.13 -31.53 -5.07
N PRO A 76 -9.95 -30.93 -5.16
CA PRO A 76 -9.84 -29.47 -5.17
C PRO A 76 -10.70 -28.90 -6.32
N ALA A 77 -11.43 -27.81 -6.10
CA ALA A 77 -12.24 -27.13 -7.13
C ALA A 77 -11.50 -25.88 -7.61
N MET A 78 -11.24 -25.80 -8.90
CA MET A 78 -10.46 -24.68 -9.45
C MET A 78 -11.40 -23.68 -10.09
N ARG A 79 -11.14 -22.40 -9.84
CA ARG A 79 -11.82 -21.31 -10.59
C ARG A 79 -10.80 -20.41 -11.24
N VAL A 80 -11.24 -19.75 -12.31
CA VAL A 80 -10.48 -18.63 -12.92
C VAL A 80 -11.41 -17.44 -13.02
N LEU A 81 -10.93 -16.30 -12.55
CA LEU A 81 -11.64 -15.02 -12.56
C LEU A 81 -11.02 -14.17 -13.66
N VAL A 82 -11.84 -13.59 -14.52
N VAL A 82 -11.85 -13.60 -14.53
CA VAL A 82 -11.33 -12.79 -15.67
CA VAL A 82 -11.38 -12.85 -15.73
C VAL A 82 -12.19 -11.54 -15.85
C VAL A 82 -12.19 -11.57 -15.87
N GLU A 83 -11.58 -10.50 -16.38
CA GLU A 83 -12.30 -9.28 -16.80
C GLU A 83 -12.35 -9.28 -18.32
N PRO A 84 -13.42 -9.77 -18.97
CA PRO A 84 -13.40 -9.92 -20.43
C PRO A 84 -13.29 -8.58 -21.17
N GLY A 85 -13.70 -7.50 -20.55
CA GLY A 85 -13.69 -6.17 -21.21
C GLY A 85 -12.42 -5.41 -20.95
N CYS A 86 -11.41 -6.09 -20.42
N CYS A 86 -11.39 -6.04 -20.38
CA CYS A 86 -10.07 -5.56 -20.18
CA CYS A 86 -10.12 -5.37 -20.08
C CYS A 86 -9.53 -4.96 -21.51
C CYS A 86 -9.50 -4.96 -21.43
N GLY A 87 -8.95 -3.77 -21.49
CA GLY A 87 -8.43 -3.18 -22.74
C GLY A 87 -9.49 -2.46 -23.57
N ALA A 88 -10.75 -2.39 -23.14
CA ALA A 88 -11.73 -1.41 -23.71
C ALA A 88 -11.26 0.00 -23.36
N THR A 89 -11.63 0.99 -24.16
CA THR A 89 -11.15 2.39 -24.00
C THR A 89 -12.02 3.15 -23.00
N SER A 90 -13.10 2.54 -22.52
CA SER A 90 -14.00 3.16 -21.53
C SER A 90 -14.61 2.07 -20.65
N LEU A 91 -14.99 2.42 -19.44
CA LEU A 91 -15.63 1.46 -18.54
C LEU A 91 -16.96 0.99 -19.15
N ALA A 92 -17.70 1.85 -19.84
CA ALA A 92 -18.93 1.46 -20.53
C ALA A 92 -18.63 0.36 -21.56
N ASP A 93 -17.60 0.52 -22.37
CA ASP A 93 -17.30 -0.50 -23.40
C ASP A 93 -16.71 -1.74 -22.72
N ASN A 94 -16.04 -1.57 -21.58
CA ASN A 94 -15.53 -2.70 -20.78
C ASN A 94 -16.73 -3.58 -20.39
N GLY A 95 -17.75 -2.95 -19.83
CA GLY A 95 -19.01 -3.64 -19.45
C GLY A 95 -19.65 -4.30 -20.64
N ARG A 96 -19.72 -3.62 -21.78
N ARG A 96 -19.73 -3.62 -21.78
CA ARG A 96 -20.40 -4.18 -22.98
CA ARG A 96 -20.38 -4.16 -23.00
C ARG A 96 -19.62 -5.42 -23.46
C ARG A 96 -19.63 -5.40 -23.46
N ALA A 97 -18.30 -5.34 -23.45
CA ALA A 97 -17.44 -6.47 -23.89
C ALA A 97 -17.61 -7.61 -22.88
N GLY A 98 -17.68 -7.29 -21.59
CA GLY A 98 -17.91 -8.30 -20.54
C GLY A 98 -19.23 -9.01 -20.75
N LEU A 99 -20.29 -8.25 -21.01
CA LEU A 99 -21.61 -8.83 -21.26
C LEU A 99 -21.58 -9.71 -22.51
N GLU A 100 -20.95 -9.25 -23.59
N GLU A 100 -20.94 -9.28 -23.58
CA GLU A 100 -20.85 -10.04 -24.85
CA GLU A 100 -20.95 -10.10 -24.81
C GLU A 100 -20.19 -11.40 -24.54
C GLU A 100 -20.18 -11.41 -24.57
N ALA A 101 -19.14 -11.40 -23.72
CA ALA A 101 -18.37 -12.62 -23.40
C ALA A 101 -19.30 -13.58 -22.65
N VAL A 102 -20.08 -13.08 -21.69
CA VAL A 102 -21.03 -13.95 -20.93
C VAL A 102 -22.08 -14.49 -21.89
N ARG A 103 -22.61 -13.64 -22.79
N ARG A 103 -22.59 -13.67 -22.80
CA ARG A 103 -23.65 -14.06 -23.78
CA ARG A 103 -23.64 -14.16 -23.74
C ARG A 103 -23.07 -15.15 -24.69
C ARG A 103 -23.04 -15.21 -24.66
N THR A 104 -21.81 -15.04 -25.11
CA THR A 104 -21.13 -16.08 -25.92
C THR A 104 -21.04 -17.38 -25.13
N MET A 105 -20.69 -17.32 -23.85
CA MET A 105 -20.63 -18.54 -23.03
C MET A 105 -22.03 -19.16 -22.94
N ALA A 106 -23.06 -18.34 -22.78
CA ALA A 106 -24.46 -18.82 -22.66
C ALA A 106 -24.88 -19.49 -23.95
N ARG A 107 -24.48 -19.02 -25.11
CA ARG A 107 -24.87 -19.65 -26.39
C ARG A 107 -24.13 -20.98 -26.52
N ARG A 108 -22.98 -21.12 -25.90
CA ARG A 108 -22.20 -22.35 -25.96
C ARG A 108 -22.80 -23.42 -25.04
N TRP A 109 -23.07 -23.07 -23.79
CA TRP A 109 -23.49 -24.05 -22.72
C TRP A 109 -24.98 -23.94 -22.38
N HIS A 110 -25.67 -22.92 -22.88
N HIS A 110 -25.68 -22.93 -22.91
CA HIS A 110 -27.14 -22.78 -22.81
CA HIS A 110 -27.15 -22.72 -22.76
C HIS A 110 -27.60 -22.66 -21.34
C HIS A 110 -27.55 -22.76 -21.30
N PHE A 111 -26.76 -22.10 -20.45
CA PHE A 111 -27.21 -21.68 -19.09
C PHE A 111 -28.19 -20.50 -19.27
N THR A 112 -29.03 -20.30 -18.28
CA THR A 112 -30.09 -19.25 -18.33
C THR A 112 -29.47 -17.92 -17.88
N THR A 113 -29.78 -16.84 -18.57
CA THR A 113 -29.25 -15.47 -18.29
C THR A 113 -30.39 -14.52 -17.90
N ASP A 114 -31.60 -15.04 -17.66
CA ASP A 114 -32.78 -14.22 -17.28
C ASP A 114 -32.47 -13.42 -16.00
N ALA A 115 -31.79 -14.02 -15.03
CA ALA A 115 -31.46 -13.37 -13.74
C ALA A 115 -30.48 -12.21 -13.99
N LEU A 116 -29.50 -12.41 -14.86
CA LEU A 116 -28.55 -11.32 -15.20
C LEU A 116 -29.33 -10.21 -15.92
N ASP A 117 -30.17 -10.57 -16.89
CA ASP A 117 -30.93 -9.59 -17.71
C ASP A 117 -31.79 -8.70 -16.82
N GLU A 118 -32.36 -9.26 -15.77
CA GLU A 118 -33.18 -8.56 -14.76
C GLU A 118 -32.40 -7.42 -14.11
N LEU A 119 -31.05 -7.45 -14.14
CA LEU A 119 -30.18 -6.51 -13.36
C LEU A 119 -29.44 -5.51 -14.24
N LEU A 120 -29.42 -5.65 -15.57
CA LEU A 120 -28.43 -4.94 -16.42
C LEU A 120 -28.60 -3.42 -16.36
N ASP A 121 -29.83 -2.90 -16.28
CA ASP A 121 -30.01 -1.43 -16.22
C ASP A 121 -29.40 -0.89 -14.91
N LEU A 122 -29.44 -1.67 -13.83
CA LEU A 122 -28.86 -1.22 -12.53
C LEU A 122 -27.34 -1.17 -12.65
N PHE A 123 -26.72 -2.17 -13.32
CA PHE A 123 -25.28 -2.44 -13.19
C PHE A 123 -24.48 -2.01 -14.42
N LEU A 124 -25.13 -1.77 -15.56
CA LEU A 124 -24.45 -1.31 -16.82
C LEU A 124 -25.12 -0.03 -17.33
N PRO A 125 -25.11 1.05 -16.55
CA PRO A 125 -25.61 2.35 -17.02
C PRO A 125 -24.57 3.06 -17.88
N PRO A 126 -24.91 4.19 -18.53
CA PRO A 126 -23.91 5.04 -19.15
C PRO A 126 -23.10 5.79 -18.06
N ALA A 127 -21.91 6.24 -18.40
CA ALA A 127 -20.99 6.94 -17.47
C ALA A 127 -20.87 6.13 -16.17
N PRO A 128 -20.57 4.81 -16.24
CA PRO A 128 -20.38 4.01 -15.04
C PRO A 128 -19.14 4.46 -14.27
N GLN A 129 -19.18 4.31 -12.96
CA GLN A 129 -18.04 4.54 -12.06
C GLN A 129 -17.38 3.21 -11.73
N GLY A 130 -16.09 3.26 -11.45
CA GLY A 130 -15.24 2.08 -11.21
C GLY A 130 -15.61 1.44 -9.88
N PRO A 131 -14.85 0.46 -9.40
CA PRO A 131 -13.63 -0.03 -10.06
C PRO A 131 -13.75 -1.16 -11.10
N LEU A 132 -14.97 -1.62 -11.38
CA LEU A 132 -15.23 -2.68 -12.37
C LEU A 132 -16.59 -2.44 -12.99
N ALA A 133 -16.84 -3.04 -14.14
CA ALA A 133 -18.16 -3.18 -14.77
C ALA A 133 -18.65 -4.62 -14.71
N LEU A 134 -17.81 -5.59 -15.04
CA LEU A 134 -18.24 -7.00 -15.10
C LEU A 134 -17.03 -7.90 -15.09
N TRP A 135 -16.97 -8.79 -14.12
CA TRP A 135 -16.00 -9.89 -14.10
C TRP A 135 -16.79 -11.19 -14.18
N CYS A 136 -16.12 -12.20 -14.67
N CYS A 136 -16.18 -12.23 -14.73
CA CYS A 136 -16.66 -13.56 -14.81
CA CYS A 136 -16.80 -13.58 -14.79
C CYS A 136 -15.73 -14.52 -14.09
C CYS A 136 -15.83 -14.62 -14.23
N ALA A 137 -16.28 -15.39 -13.25
CA ALA A 137 -15.52 -16.52 -12.67
C ALA A 137 -16.05 -17.82 -13.29
N LEU A 138 -15.14 -18.64 -13.73
CA LEU A 138 -15.45 -19.96 -14.31
C LEU A 138 -14.97 -21.04 -13.33
N GLU A 139 -15.90 -21.89 -12.87
CA GLU A 139 -15.55 -23.08 -12.09
C GLU A 139 -15.19 -24.19 -13.08
N LEU A 140 -13.95 -24.63 -13.06
CA LEU A 140 -13.36 -25.55 -14.05
C LEU A 140 -13.74 -26.98 -13.69
N ARG A 141 -14.99 -27.33 -13.94
CA ARG A 141 -15.61 -28.62 -13.54
C ARG A 141 -15.14 -29.72 -14.48
N PRO A 142 -14.90 -30.94 -13.98
CA PRO A 142 -14.70 -32.06 -14.88
C PRO A 142 -15.84 -32.18 -15.89
N GLY A 143 -15.52 -32.48 -17.13
CA GLY A 143 -16.50 -32.69 -18.20
C GLY A 143 -16.52 -31.54 -19.17
N GLY A 144 -15.85 -30.43 -18.82
CA GLY A 144 -15.62 -29.29 -19.73
C GLY A 144 -16.76 -28.29 -19.76
N VAL A 145 -17.85 -28.52 -19.02
CA VAL A 145 -18.97 -27.53 -18.90
C VAL A 145 -18.78 -26.81 -17.58
N PRO A 146 -18.35 -25.52 -17.58
CA PRO A 146 -18.00 -24.86 -16.33
C PRO A 146 -19.21 -24.28 -15.61
N GLY A 147 -19.05 -23.98 -14.33
CA GLY A 147 -19.98 -23.11 -13.61
C GLY A 147 -19.62 -21.68 -13.97
N VAL A 148 -20.61 -20.83 -14.17
CA VAL A 148 -20.37 -19.41 -14.54
C VAL A 148 -20.95 -18.50 -13.45
N LYS A 149 -20.13 -17.59 -12.94
CA LYS A 149 -20.52 -16.60 -11.94
C LYS A 149 -20.18 -15.23 -12.53
N VAL A 150 -21.09 -14.28 -12.46
CA VAL A 150 -20.87 -12.90 -12.92
C VAL A 150 -20.83 -11.96 -11.73
N TYR A 151 -19.82 -11.07 -11.69
CA TYR A 151 -19.59 -10.05 -10.65
C TYR A 151 -19.90 -8.68 -11.23
N LEU A 152 -20.78 -7.95 -10.55
CA LEU A 152 -21.22 -6.60 -10.95
C LEU A 152 -20.93 -5.63 -9.81
N ASN A 153 -20.99 -4.34 -10.11
CA ASN A 153 -20.50 -3.23 -9.23
C ASN A 153 -21.65 -2.43 -8.64
N PRO A 154 -22.05 -2.65 -7.38
CA PRO A 154 -23.11 -1.86 -6.75
C PRO A 154 -22.82 -0.35 -6.71
N ALA A 155 -21.55 0.06 -6.79
CA ALA A 155 -21.12 1.48 -6.73
C ALA A 155 -21.02 2.09 -8.13
N VAL A 156 -21.61 1.46 -9.16
CA VAL A 156 -21.50 1.92 -10.57
C VAL A 156 -22.06 3.35 -10.71
N GLY A 157 -23.05 3.71 -9.91
CA GLY A 157 -23.64 5.07 -9.87
C GLY A 157 -23.15 5.92 -8.70
N GLY A 158 -22.06 5.52 -8.07
CA GLY A 158 -21.49 6.17 -6.86
C GLY A 158 -21.76 5.36 -5.63
N GLU A 159 -20.87 5.46 -4.65
CA GLU A 159 -20.93 4.72 -3.36
C GLU A 159 -22.25 5.03 -2.65
N GLU A 160 -22.74 6.25 -2.79
CA GLU A 160 -23.94 6.71 -2.04
C GLU A 160 -25.17 5.91 -2.50
N ARG A 161 -25.15 5.41 -3.75
CA ARG A 161 -26.28 4.67 -4.35
C ARG A 161 -26.10 3.15 -4.22
N SER A 162 -24.99 2.66 -3.66
CA SER A 162 -24.65 1.22 -3.54
C SER A 162 -25.75 0.46 -2.79
N ALA A 163 -26.13 0.90 -1.60
CA ALA A 163 -27.14 0.22 -0.75
C ALA A 163 -28.46 0.08 -1.50
N ALA A 164 -28.93 1.15 -2.13
CA ALA A 164 -30.22 1.14 -2.87
C ALA A 164 -30.14 0.17 -4.05
N THR A 165 -28.97 0.12 -4.68
CA THR A 165 -28.75 -0.78 -5.85
C THR A 165 -28.83 -2.23 -5.38
N VAL A 166 -28.18 -2.60 -4.27
CA VAL A 166 -28.22 -4.00 -3.75
C VAL A 166 -29.67 -4.36 -3.35
N ARG A 167 -30.33 -3.46 -2.64
CA ARG A 167 -31.71 -3.72 -2.17
C ARG A 167 -32.59 -3.98 -3.40
N GLU A 168 -32.51 -3.15 -4.44
CA GLU A 168 -33.35 -3.30 -5.64
C GLU A 168 -32.98 -4.58 -6.38
N ALA A 169 -31.68 -4.90 -6.49
CA ALA A 169 -31.25 -6.16 -7.16
C ALA A 169 -31.89 -7.36 -6.48
N LEU A 170 -31.85 -7.41 -5.15
CA LEU A 170 -32.32 -8.61 -4.39
C LEU A 170 -33.83 -8.72 -4.58
N ARG A 171 -34.53 -7.61 -4.53
CA ARG A 171 -36.00 -7.57 -4.78
C ARG A 171 -36.31 -8.16 -6.15
N ARG A 172 -35.65 -7.69 -7.19
CA ARG A 172 -35.90 -8.15 -8.57
C ARG A 172 -35.61 -9.65 -8.68
N LEU A 173 -34.70 -10.20 -7.85
CA LEU A 173 -34.32 -11.62 -7.91
C LEU A 173 -35.24 -12.46 -7.01
N GLY A 174 -36.34 -11.86 -6.51
CA GLY A 174 -37.40 -12.58 -5.79
C GLY A 174 -37.06 -12.80 -4.34
N HIS A 175 -36.18 -11.96 -3.78
CA HIS A 175 -35.69 -12.07 -2.37
C HIS A 175 -36.23 -10.92 -1.53
N HIS A 176 -37.28 -10.24 -2.00
CA HIS A 176 -38.04 -9.25 -1.20
C HIS A 176 -37.07 -8.31 -0.49
N GLN A 177 -37.18 -8.13 0.84
CA GLN A 177 -36.35 -7.16 1.60
C GLN A 177 -35.16 -7.90 2.27
N ALA A 178 -34.58 -8.90 1.60
CA ALA A 178 -33.36 -9.63 2.02
C ALA A 178 -32.24 -8.64 2.41
N PHE A 179 -32.17 -7.49 1.75
CA PHE A 179 -31.16 -6.45 2.08
C PHE A 179 -31.07 -6.25 3.59
N ASP A 180 -32.21 -6.25 4.28
CA ASP A 180 -32.30 -5.93 5.73
C ASP A 180 -31.76 -7.07 6.61
N SER A 181 -31.49 -8.26 6.06
CA SER A 181 -30.86 -9.39 6.78
C SER A 181 -29.33 -9.25 6.79
N LEU A 182 -28.76 -8.35 6.00
CA LEU A 182 -27.28 -8.21 5.88
C LEU A 182 -26.74 -7.47 7.11
N PRO A 183 -25.56 -7.89 7.63
CA PRO A 183 -24.91 -7.15 8.71
C PRO A 183 -24.40 -5.78 8.22
N GLN A 184 -24.07 -4.92 9.17
CA GLN A 184 -23.41 -3.61 8.94
C GLN A 184 -22.09 -3.86 8.19
N GLY A 185 -21.79 -3.03 7.21
CA GLY A 185 -20.48 -3.03 6.53
C GLY A 185 -20.07 -1.64 6.14
N SER A 186 -18.94 -1.48 5.46
CA SER A 186 -18.37 -0.18 5.06
C SER A 186 -18.66 0.10 3.59
N GLY A 187 -19.36 -0.81 2.91
CA GLY A 187 -19.50 -0.76 1.46
C GLY A 187 -19.97 -2.09 0.90
N TYR A 188 -20.34 -2.08 -0.37
CA TYR A 188 -20.92 -3.23 -1.11
C TYR A 188 -20.10 -3.39 -2.37
N PRO A 189 -18.92 -4.04 -2.29
CA PRO A 189 -18.00 -4.03 -3.43
C PRO A 189 -18.50 -4.85 -4.64
N PHE A 190 -19.31 -5.87 -4.43
CA PHE A 190 -19.79 -6.74 -5.54
C PHE A 190 -21.18 -7.25 -5.26
N LEU A 191 -21.97 -7.40 -6.31
CA LEU A 191 -23.08 -8.36 -6.31
C LEU A 191 -22.80 -9.38 -7.39
N ALA A 192 -22.95 -10.65 -7.07
CA ALA A 192 -22.63 -11.72 -8.01
C ALA A 192 -23.83 -12.66 -8.22
N LEU A 193 -23.92 -13.21 -9.40
CA LEU A 193 -24.94 -14.24 -9.76
C LEU A 193 -24.23 -15.50 -10.21
N ASP A 194 -24.61 -16.63 -9.64
CA ASP A 194 -24.19 -17.97 -10.12
C ASP A 194 -25.14 -18.40 -11.24
N LEU A 195 -24.68 -18.49 -12.50
CA LEU A 195 -25.53 -18.85 -13.67
C LEU A 195 -25.31 -20.32 -14.11
N GLY A 196 -26.39 -21.03 -14.39
CA GLY A 196 -26.36 -22.43 -14.84
C GLY A 196 -27.66 -22.81 -15.50
N ASN A 197 -28.03 -24.08 -15.42
CA ASN A 197 -29.25 -24.60 -16.09
C ASN A 197 -30.49 -24.34 -15.23
N TRP A 198 -30.34 -23.58 -14.15
CA TRP A 198 -31.46 -23.13 -13.27
C TRP A 198 -31.90 -21.75 -13.73
N THR A 199 -33.19 -21.43 -13.54
CA THR A 199 -33.74 -20.05 -13.72
C THR A 199 -33.82 -19.38 -12.35
N GLU A 200 -33.96 -20.17 -11.27
CA GLU A 200 -33.92 -19.69 -9.87
C GLU A 200 -32.57 -19.03 -9.59
N PRO A 201 -32.53 -17.70 -9.36
CA PRO A 201 -31.26 -17.01 -9.12
C PRO A 201 -30.50 -17.51 -7.88
N ARG A 202 -29.17 -17.59 -7.98
CA ARG A 202 -28.26 -17.74 -6.82
C ARG A 202 -27.50 -16.42 -6.66
N ALA A 203 -27.95 -15.57 -5.73
CA ALA A 203 -27.50 -14.16 -5.58
C ALA A 203 -26.53 -14.05 -4.42
N LYS A 204 -25.39 -13.40 -4.65
N LYS A 204 -25.38 -13.41 -4.65
CA LYS A 204 -24.31 -13.26 -3.66
CA LYS A 204 -24.31 -13.28 -3.63
C LYS A 204 -24.07 -11.77 -3.44
C LYS A 204 -23.98 -11.80 -3.42
N VAL A 205 -24.16 -11.30 -2.20
CA VAL A 205 -23.89 -9.89 -1.85
C VAL A 205 -22.59 -9.85 -1.06
N TYR A 206 -21.65 -9.03 -1.50
CA TYR A 206 -20.35 -8.84 -0.83
C TYR A 206 -20.39 -7.55 -0.03
N LEU A 207 -19.85 -7.60 1.19
CA LEU A 207 -19.69 -6.44 2.06
C LEU A 207 -18.21 -6.20 2.30
N ARG A 208 -17.81 -4.95 2.35
CA ARG A 208 -16.47 -4.51 2.79
CA ARG A 208 -16.47 -4.50 2.80
C ARG A 208 -16.49 -4.33 4.32
N HIS A 209 -15.44 -4.73 5.01
CA HIS A 209 -15.35 -4.57 6.49
C HIS A 209 -14.03 -3.93 6.82
N ASP A 210 -14.04 -2.65 7.12
CA ASP A 210 -12.82 -1.92 7.53
C ASP A 210 -12.49 -2.23 8.99
N ASN A 211 -11.22 -2.45 9.28
CA ASN A 211 -10.66 -2.66 10.64
C ASN A 211 -11.45 -3.77 11.31
N LEU A 212 -11.70 -4.85 10.59
CA LEU A 212 -12.46 -5.99 11.16
C LEU A 212 -11.71 -6.60 12.34
N THR A 213 -12.46 -6.96 13.39
CA THR A 213 -11.94 -7.71 14.55
C THR A 213 -12.50 -9.13 14.56
N ALA A 214 -11.85 -9.99 15.31
CA ALA A 214 -12.21 -11.41 15.40
C ALA A 214 -13.66 -11.49 15.94
N GLY A 215 -13.98 -10.72 16.97
CA GLY A 215 -15.34 -10.69 17.57
C GLY A 215 -16.38 -10.21 16.59
N ARG A 216 -16.10 -9.16 15.82
CA ARG A 216 -17.08 -8.62 14.86
C ARG A 216 -17.28 -9.65 13.75
N ALA A 217 -16.20 -10.29 13.33
CA ALA A 217 -16.21 -11.32 12.27
C ALA A 217 -17.14 -12.46 12.68
N ALA A 218 -17.08 -12.86 13.94
CA ALA A 218 -17.93 -13.91 14.54
C ALA A 218 -19.42 -13.54 14.48
N ARG A 219 -19.77 -12.26 14.36
CA ARG A 219 -21.18 -11.78 14.37
C ARG A 219 -21.70 -11.45 12.95
N LEU A 220 -20.94 -11.68 11.88
CA LEU A 220 -21.42 -11.32 10.51
C LEU A 220 -22.43 -12.33 9.98
N SER A 221 -22.42 -13.53 10.52
CA SER A 221 -23.27 -14.66 10.05
C SER A 221 -24.02 -15.27 11.22
N ARG A 222 -25.10 -16.00 10.90
CA ARG A 222 -25.85 -16.85 11.84
C ARG A 222 -25.53 -18.33 11.52
N THR A 223 -25.73 -19.20 12.50
CA THR A 223 -25.52 -20.68 12.44
C THR A 223 -26.05 -21.27 11.12
N ASP A 224 -27.23 -20.80 10.67
CA ASP A 224 -27.99 -21.35 9.52
C ASP A 224 -27.34 -20.97 8.17
N SER A 225 -26.15 -20.36 8.16
CA SER A 225 -25.41 -20.08 6.91
C SER A 225 -24.07 -20.82 6.86
N GLY A 226 -23.83 -21.79 7.78
CA GLY A 226 -22.86 -22.88 7.58
C GLY A 226 -21.62 -22.81 8.47
N LEU A 227 -21.34 -21.69 9.14
CA LEU A 227 -20.16 -21.54 10.03
C LEU A 227 -20.63 -21.25 11.45
N VAL A 228 -19.79 -21.60 12.43
CA VAL A 228 -20.04 -21.33 13.87
C VAL A 228 -19.03 -20.29 14.34
N PRO A 229 -19.44 -19.34 15.22
CA PRO A 229 -18.59 -18.22 15.63
C PRO A 229 -17.14 -18.55 16.01
N THR A 230 -16.92 -19.67 16.69
CA THR A 230 -15.57 -20.10 17.15
C THR A 230 -14.69 -20.46 15.92
N ALA A 231 -15.28 -21.03 14.87
CA ALA A 231 -14.54 -21.42 13.63
C ALA A 231 -14.16 -20.13 12.89
N VAL A 232 -15.04 -19.15 12.91
CA VAL A 232 -14.81 -17.86 12.20
C VAL A 232 -13.69 -17.11 12.94
N GLU A 233 -13.70 -17.12 14.27
CA GLU A 233 -12.66 -16.42 15.07
C GLU A 233 -11.32 -17.11 14.88
N GLY A 234 -11.30 -18.45 14.92
CA GLY A 234 -10.08 -19.24 14.73
C GLY A 234 -9.46 -18.93 13.37
N PHE A 235 -10.30 -18.88 12.34
CA PHE A 235 -9.83 -18.66 10.96
C PHE A 235 -9.28 -17.24 10.89
N PHE A 236 -10.03 -16.28 11.40
CA PHE A 236 -9.61 -14.85 11.42
C PHE A 236 -8.20 -14.77 12.02
N ARG A 237 -7.98 -15.40 13.17
CA ARG A 237 -6.69 -15.27 13.89
C ARG A 237 -5.57 -15.99 13.13
N THR A 238 -5.84 -17.17 12.57
CA THR A 238 -4.82 -17.94 11.81
C THR A 238 -4.39 -17.14 10.58
N ALA A 239 -5.35 -16.59 9.85
CA ALA A 239 -5.10 -15.95 8.55
C ALA A 239 -4.38 -14.63 8.77
N ALA A 240 -4.81 -13.86 9.75
CA ALA A 240 -4.38 -12.46 9.93
C ALA A 240 -3.02 -12.38 10.61
N GLY A 241 -2.59 -13.38 11.39
CA GLY A 241 -1.32 -13.29 12.12
C GLY A 241 -1.22 -11.93 12.83
N PRO A 242 -0.28 -11.01 12.41
CA PRO A 242 -0.08 -9.71 13.08
C PRO A 242 -1.21 -8.66 12.97
N GLY A 243 -2.06 -8.74 11.94
CA GLY A 243 -3.25 -7.88 11.84
C GLY A 243 -4.27 -8.18 12.97
N SER A 244 -4.09 -9.30 13.69
CA SER A 244 -4.99 -9.82 14.76
C SER A 244 -4.70 -9.16 16.11
N ASP A 245 -5.75 -8.93 16.90
CA ASP A 245 -5.70 -8.37 18.28
C ASP A 245 -4.93 -7.06 18.31
N ALA A 246 -5.20 -6.14 17.36
CA ALA A 246 -4.48 -4.86 17.20
C ALA A 246 -5.45 -3.69 16.91
N GLY A 247 -6.73 -3.83 17.24
CA GLY A 247 -7.75 -2.78 17.02
C GLY A 247 -8.53 -3.00 15.75
N GLY A 248 -8.27 -4.13 15.10
CA GLY A 248 -8.88 -4.47 13.82
C GLY A 248 -7.81 -4.64 12.76
N LEU A 249 -8.08 -5.47 11.79
CA LEU A 249 -7.15 -5.67 10.65
C LEU A 249 -6.79 -4.31 10.10
N ASP A 250 -5.50 -4.08 9.86
CA ASP A 250 -5.01 -2.73 9.53
C ASP A 250 -4.47 -2.63 8.11
N GLY A 251 -4.67 -3.64 7.27
CA GLY A 251 -4.35 -3.56 5.84
C GLY A 251 -5.60 -3.25 5.03
N ARG A 252 -5.66 -3.75 3.80
CA ARG A 252 -6.86 -3.49 2.99
C ARG A 252 -8.03 -4.22 3.65
N PRO A 253 -9.26 -3.78 3.35
CA PRO A 253 -10.44 -4.31 4.04
C PRO A 253 -10.67 -5.81 3.80
N ALA A 254 -11.16 -6.50 4.81
CA ALA A 254 -11.72 -7.84 4.71
C ALA A 254 -13.05 -7.72 3.98
N GLN A 255 -13.56 -8.83 3.48
CA GLN A 255 -14.87 -8.88 2.80
C GLN A 255 -15.65 -10.05 3.34
N SER A 256 -16.97 -9.93 3.29
CA SER A 256 -17.84 -11.10 3.51
C SER A 256 -18.76 -11.23 2.30
N CYS A 257 -19.22 -12.42 2.05
CA CYS A 257 -20.19 -12.75 0.99
CA CYS A 257 -20.27 -12.61 1.03
C CYS A 257 -21.42 -13.41 1.65
N HIS A 258 -22.62 -13.04 1.26
CA HIS A 258 -23.90 -13.59 1.80
C HIS A 258 -24.69 -14.11 0.63
N SER A 259 -24.98 -15.41 0.65
CA SER A 259 -25.54 -16.18 -0.47
C SER A 259 -27.03 -16.37 -0.21
N PHE A 260 -27.86 -15.86 -1.13
CA PHE A 260 -29.33 -16.08 -1.19
C PHE A 260 -29.66 -17.05 -2.33
N THR A 261 -30.13 -18.25 -1.99
CA THR A 261 -30.34 -19.37 -2.97
C THR A 261 -31.77 -19.91 -2.89
N ASP A 262 -32.38 -19.97 -1.70
CA ASP A 262 -33.78 -20.44 -1.51
C ASP A 262 -34.73 -19.44 -2.17
N PRO A 263 -35.64 -19.88 -3.07
CA PRO A 263 -36.61 -18.95 -3.66
C PRO A 263 -37.42 -18.18 -2.60
N GLY A 264 -37.54 -16.86 -2.77
CA GLY A 264 -38.38 -15.99 -1.92
C GLY A 264 -37.73 -15.71 -0.55
N ALA A 265 -36.60 -16.34 -0.22
CA ALA A 265 -35.96 -16.27 1.11
C ALA A 265 -35.42 -14.85 1.36
N GLU A 266 -35.64 -14.34 2.57
CA GLU A 266 -35.18 -13.00 3.01
C GLU A 266 -33.90 -13.12 3.83
N ARG A 267 -33.39 -14.34 4.01
CA ARG A 267 -32.19 -14.61 4.86
C ARG A 267 -31.20 -15.43 4.05
N PRO A 268 -29.88 -15.19 4.18
CA PRO A 268 -28.90 -15.96 3.43
C PRO A 268 -28.68 -17.37 3.98
N SER A 269 -28.38 -18.30 3.07
CA SER A 269 -28.09 -19.74 3.36
CA SER A 269 -28.09 -19.73 3.39
C SER A 269 -26.59 -19.99 3.33
N GLY A 270 -25.79 -19.01 2.92
CA GLY A 270 -24.34 -19.21 2.82
C GLY A 270 -23.61 -17.96 3.23
N PHE A 271 -22.42 -18.14 3.80
CA PHE A 271 -21.57 -17.03 4.28
C PHE A 271 -20.09 -17.36 4.04
N THR A 272 -19.34 -16.38 3.50
CA THR A 272 -17.88 -16.55 3.34
C THR A 272 -17.18 -15.32 3.92
N LEU A 273 -16.11 -15.57 4.67
CA LEU A 273 -15.19 -14.48 5.12
C LEU A 273 -13.87 -14.54 4.37
N TYR A 274 -13.48 -13.42 3.76
CA TYR A 274 -12.25 -13.25 2.94
C TYR A 274 -11.26 -12.38 3.72
N ILE A 275 -10.06 -12.90 3.94
CA ILE A 275 -8.96 -12.14 4.57
C ILE A 275 -7.86 -11.92 3.54
N PRO A 276 -7.45 -10.65 3.29
CA PRO A 276 -6.36 -10.33 2.36
C PRO A 276 -5.00 -10.65 2.99
N VAL A 277 -4.69 -11.94 3.06
CA VAL A 277 -3.50 -12.46 3.80
C VAL A 277 -2.21 -11.82 3.27
N ARG A 278 -2.17 -11.42 1.99
CA ARG A 278 -0.94 -10.84 1.40
C ARG A 278 -0.51 -9.60 2.14
N ASP A 279 -1.44 -8.88 2.81
CA ASP A 279 -1.13 -7.64 3.55
C ASP A 279 -0.60 -7.94 4.95
N TYR A 280 -0.56 -9.20 5.37
CA TYR A 280 -0.35 -9.55 6.80
C TYR A 280 0.80 -10.55 6.97
N VAL A 281 1.61 -10.74 5.94
CA VAL A 281 2.72 -11.72 5.96
C VAL A 281 4.01 -11.04 5.48
N ARG A 282 5.15 -11.64 5.81
CA ARG A 282 6.47 -11.21 5.27
C ARG A 282 6.62 -11.69 3.83
N HIS A 283 6.07 -12.86 3.51
CA HIS A 283 6.27 -13.52 2.20
C HIS A 283 5.25 -14.65 2.03
N ASP A 284 5.20 -15.21 0.83
CA ASP A 284 4.25 -16.30 0.51
C ASP A 284 4.57 -17.57 1.26
N GLY A 285 5.80 -17.74 1.77
CA GLY A 285 6.07 -18.91 2.65
C GLY A 285 5.17 -18.86 3.89
N GLU A 286 5.04 -17.69 4.50
CA GLU A 286 4.17 -17.47 5.68
C GLU A 286 2.71 -17.63 5.27
N ALA A 287 2.29 -17.07 4.14
CA ALA A 287 0.89 -17.22 3.68
C ALA A 287 0.57 -18.72 3.51
N LEU A 288 1.49 -19.48 2.91
CA LEU A 288 1.32 -20.93 2.65
C LEU A 288 1.21 -21.67 3.99
N ALA A 289 2.06 -21.30 4.95
CA ALA A 289 2.06 -21.93 6.29
C ALA A 289 0.68 -21.70 6.97
N ARG A 290 0.16 -20.48 6.92
CA ARG A 290 -1.15 -20.14 7.53
C ARG A 290 -2.26 -20.87 6.77
N ALA A 291 -2.22 -20.88 5.45
CA ALA A 291 -3.23 -21.63 4.67
C ALA A 291 -3.21 -23.10 5.09
N SER A 292 -2.03 -23.66 5.25
CA SER A 292 -1.86 -25.10 5.60
C SER A 292 -2.50 -25.36 6.98
N THR A 293 -2.32 -24.46 7.93
CA THR A 293 -2.94 -24.54 9.29
C THR A 293 -4.47 -24.52 9.17
N VAL A 294 -5.03 -23.63 8.37
CA VAL A 294 -6.52 -23.53 8.20
C VAL A 294 -7.03 -24.83 7.61
N LEU A 295 -6.36 -25.34 6.59
CA LEU A 295 -6.78 -26.59 5.92
C LEU A 295 -6.76 -27.73 6.94
N HIS A 296 -5.69 -27.85 7.71
CA HIS A 296 -5.53 -28.92 8.74
C HIS A 296 -6.68 -28.82 9.77
N HIS A 297 -7.08 -27.61 10.14
CA HIS A 297 -8.13 -27.35 11.18
C HIS A 297 -9.51 -27.77 10.67
N HIS A 298 -9.69 -27.86 9.34
CA HIS A 298 -10.97 -28.23 8.69
C HIS A 298 -10.82 -29.59 8.00
N GLY A 299 -9.82 -30.38 8.41
CA GLY A 299 -9.67 -31.80 8.10
C GLY A 299 -9.18 -32.08 6.70
N MET A 300 -8.32 -31.23 6.13
CA MET A 300 -7.93 -31.33 4.69
C MET A 300 -6.41 -31.29 4.57
N ASP A 301 -5.89 -31.93 3.52
CA ASP A 301 -4.43 -31.95 3.19
C ASP A 301 -4.08 -30.68 2.42
N ALA A 302 -2.86 -30.16 2.61
CA ALA A 302 -2.36 -28.88 2.05
C ALA A 302 -1.30 -29.09 0.95
N SER A 303 -0.84 -30.33 0.67
CA SER A 303 0.23 -30.57 -0.34
C SER A 303 -0.21 -30.06 -1.72
N VAL A 304 -1.49 -30.13 -2.09
CA VAL A 304 -1.95 -29.63 -3.41
C VAL A 304 -1.70 -28.12 -3.47
N LEU A 305 -1.92 -27.38 -2.39
CA LEU A 305 -1.70 -25.91 -2.42
C LEU A 305 -0.21 -25.60 -2.60
N HIS A 306 0.69 -26.40 -2.01
CA HIS A 306 2.15 -26.24 -2.22
C HIS A 306 2.50 -26.45 -3.70
N ARG A 307 1.92 -27.45 -4.34
CA ARG A 307 2.14 -27.70 -5.78
C ARG A 307 1.52 -26.57 -6.60
N ALA A 308 0.38 -26.03 -6.15
CA ALA A 308 -0.33 -24.95 -6.87
C ALA A 308 0.57 -23.72 -6.97
N LEU A 309 1.22 -23.32 -5.87
CA LEU A 309 2.11 -22.16 -5.93
C LEU A 309 3.24 -22.38 -6.94
N ALA A 310 3.87 -23.55 -6.96
CA ALA A 310 4.97 -23.83 -7.92
C ALA A 310 4.43 -23.82 -9.37
N ALA A 311 3.18 -24.23 -9.60
CA ALA A 311 2.48 -24.14 -10.90
C ALA A 311 2.36 -22.70 -11.36
N LEU A 312 2.03 -21.77 -10.46
CA LEU A 312 1.86 -20.33 -10.80
C LEU A 312 3.19 -19.80 -11.29
N THR A 313 4.26 -20.09 -10.57
CA THR A 313 5.59 -19.49 -10.81
C THR A 313 6.70 -20.32 -10.18
N GLU A 314 7.89 -20.21 -10.76
CA GLU A 314 9.16 -20.86 -10.33
C GLU A 314 9.76 -20.14 -9.11
N ARG A 315 9.31 -18.91 -8.83
CA ARG A 315 9.73 -18.10 -7.65
C ARG A 315 9.58 -18.94 -6.37
N ARG A 316 10.61 -19.00 -5.53
CA ARG A 316 10.48 -19.46 -4.12
C ARG A 316 9.40 -18.61 -3.44
N PRO A 317 8.37 -19.22 -2.80
CA PRO A 317 7.40 -18.46 -2.02
C PRO A 317 8.03 -17.44 -1.07
N GLU A 318 9.20 -17.77 -0.50
CA GLU A 318 9.89 -16.97 0.54
C GLU A 318 10.53 -15.71 -0.08
N ASP A 319 10.59 -15.62 -1.41
CA ASP A 319 11.32 -14.54 -2.14
C ASP A 319 10.34 -13.48 -2.63
N GLY A 320 9.09 -13.53 -2.21
CA GLY A 320 8.13 -12.47 -2.55
C GLY A 320 6.85 -12.60 -1.76
N VAL A 321 5.89 -11.76 -2.08
CA VAL A 321 4.57 -11.77 -1.40
C VAL A 321 3.51 -11.59 -2.48
N GLY A 322 2.28 -12.02 -2.22
CA GLY A 322 1.14 -11.73 -3.08
C GLY A 322 0.68 -12.92 -3.89
N LEU A 323 1.46 -13.99 -3.99
CA LEU A 323 1.00 -15.19 -4.74
C LEU A 323 -0.27 -15.72 -4.11
N ILE A 324 -0.32 -15.81 -2.79
CA ILE A 324 -1.63 -16.04 -2.10
C ILE A 324 -2.16 -14.66 -1.72
N ALA A 325 -3.18 -14.18 -2.42
CA ALA A 325 -3.75 -12.83 -2.24
C ALA A 325 -4.76 -12.85 -1.06
N TYR A 326 -5.69 -13.78 -1.09
CA TYR A 326 -6.71 -13.93 -0.03
C TYR A 326 -6.79 -15.39 0.40
N LEU A 327 -7.22 -15.58 1.63
CA LEU A 327 -7.74 -16.87 2.13
C LEU A 327 -9.19 -16.64 2.53
N ALA A 328 -10.03 -17.65 2.36
CA ALA A 328 -11.46 -17.53 2.69
C ALA A 328 -11.93 -18.82 3.37
N LEU A 329 -12.83 -18.65 4.30
CA LEU A 329 -13.60 -19.75 4.93
C LEU A 329 -15.06 -19.60 4.50
N ALA A 330 -15.59 -20.63 3.84
CA ALA A 330 -16.88 -20.58 3.12
C ALA A 330 -17.83 -21.60 3.76
N GLY A 331 -18.93 -21.11 4.30
CA GLY A 331 -20.01 -21.93 4.87
C GLY A 331 -21.22 -21.96 3.95
N GLN A 332 -21.91 -23.09 3.94
CA GLN A 332 -23.23 -23.27 3.31
C GLN A 332 -24.06 -24.17 4.23
N ARG A 333 -25.29 -23.76 4.52
CA ARG A 333 -26.26 -24.52 5.34
C ARG A 333 -26.19 -26.02 4.98
N ASP A 334 -26.00 -26.88 6.00
CA ASP A 334 -26.04 -28.37 5.89
C ASP A 334 -24.89 -28.86 5.01
N GLN A 335 -23.74 -28.18 5.04
CA GLN A 335 -22.54 -28.58 4.25
C GLN A 335 -21.30 -28.40 5.10
N PRO A 336 -20.26 -29.22 4.89
CA PRO A 336 -18.98 -29.02 5.56
C PRO A 336 -18.30 -27.76 5.01
N PRO A 337 -17.76 -26.88 5.88
CA PRO A 337 -17.05 -25.68 5.43
C PRO A 337 -15.95 -25.97 4.40
N ARG A 338 -15.74 -24.98 3.52
CA ARG A 338 -14.77 -24.99 2.41
C ARG A 338 -13.68 -23.95 2.74
N VAL A 339 -12.44 -24.22 2.36
CA VAL A 339 -11.31 -23.26 2.51
C VAL A 339 -10.83 -22.90 1.11
N THR A 340 -10.69 -21.62 0.80
CA THR A 340 -10.34 -21.19 -0.57
C THR A 340 -9.09 -20.33 -0.50
N ALA A 341 -8.14 -20.59 -1.40
CA ALA A 341 -6.93 -19.78 -1.61
C ALA A 341 -7.09 -19.08 -2.94
N TYR A 342 -7.01 -17.74 -2.93
CA TYR A 342 -7.01 -16.90 -4.14
C TYR A 342 -5.56 -16.68 -4.53
N LEU A 343 -5.23 -17.03 -5.78
CA LEU A 343 -3.84 -17.11 -6.27
C LEU A 343 -3.62 -16.08 -7.38
N SER A 344 -2.63 -15.24 -7.17
CA SER A 344 -2.28 -14.13 -8.09
C SER A 344 -1.56 -14.67 -9.31
N SER A 345 -1.91 -14.21 -10.51
CA SER A 345 -1.20 -14.57 -11.74
C SER A 345 0.19 -13.91 -11.78
N GLU A 346 0.29 -12.64 -11.40
CA GLU A 346 1.57 -11.87 -11.36
C GLU A 346 2.22 -11.86 -12.76
N ALA A 347 1.41 -11.64 -13.80
CA ALA A 347 1.90 -11.52 -15.17
C ALA A 347 2.77 -10.27 -15.32
N TYR A 348 2.61 -9.28 -14.43
CA TYR A 348 3.31 -7.98 -14.51
C TYR A 348 4.25 -7.83 -13.32
N THR A 349 4.59 -8.93 -12.66
CA THR A 349 5.52 -8.92 -11.49
C THR A 349 6.72 -9.75 -11.91
N VAL A 350 7.74 -9.07 -12.46
CA VAL A 350 8.95 -9.69 -13.11
C VAL A 350 10.19 -9.22 -12.36
N ARG A 351 11.15 -10.13 -12.19
CA ARG A 351 12.54 -9.81 -11.75
C ARG A 351 13.13 -8.78 -12.72
N PRO A 352 13.70 -7.65 -12.24
CA PRO A 352 14.37 -6.70 -13.12
C PRO A 352 15.55 -7.32 -13.87
N PRO A 353 15.95 -6.77 -15.05
CA PRO A 353 17.04 -7.35 -15.84
C PRO A 353 18.34 -7.38 -15.04
N VAL A 354 19.15 -8.42 -15.24
CA VAL A 354 20.47 -8.62 -14.57
C VAL A 354 21.55 -7.88 -15.39
N VAL A 355 22.08 -6.78 -14.82
CA VAL A 355 23.23 -5.98 -15.34
C VAL A 355 24.11 -5.64 -14.15
N GLU A 356 25.16 -6.43 -13.91
CA GLU A 356 26.04 -6.32 -12.72
C GLU A 356 26.80 -4.98 -12.76
N LEU A 357 26.91 -4.31 -11.62
CA LEU A 357 27.74 -3.08 -11.47
C LEU A 357 29.17 -3.52 -11.17
N VAL A 358 30.10 -3.21 -12.05
CA VAL A 358 31.55 -3.46 -11.86
C VAL A 358 32.24 -2.09 -11.78
N PRO A 359 32.86 -1.76 -10.63
CA PRO A 359 33.65 -0.54 -10.49
C PRO A 359 35.01 -0.70 -11.14
N ASP B 2 -7.79 26.57 21.39
CA ASP B 2 -7.68 27.46 22.58
C ASP B 2 -6.60 28.49 22.29
N ALA B 3 -5.93 29.00 23.35
CA ALA B 3 -4.84 29.99 23.28
C ALA B 3 -3.52 29.30 22.95
N SER B 4 -3.57 28.18 22.22
CA SER B 4 -2.37 27.37 21.87
C SER B 4 -1.40 28.26 21.09
N THR B 5 -0.12 28.09 21.32
CA THR B 5 0.95 28.70 20.53
C THR B 5 1.55 27.62 19.63
N LEU B 6 2.31 28.02 18.62
CA LEU B 6 3.11 27.05 17.82
C LEU B 6 3.91 26.15 18.77
N GLY B 7 4.52 26.76 19.80
CA GLY B 7 5.37 26.08 20.79
C GLY B 7 4.61 25.10 21.65
N SER B 8 3.48 25.49 22.24
CA SER B 8 2.68 24.59 23.10
C SER B 8 2.05 23.48 22.25
N PHE B 9 1.59 23.79 21.03
CA PHE B 9 0.89 22.79 20.19
C PHE B 9 1.90 21.73 19.73
N THR B 10 3.01 22.17 19.12
CA THR B 10 4.01 21.19 18.59
C THR B 10 4.71 20.50 19.76
N GLY B 11 4.90 21.21 20.89
CA GLY B 11 5.49 20.59 22.09
C GLY B 11 4.60 19.48 22.61
N GLY B 12 3.30 19.70 22.63
CA GLY B 12 2.31 18.68 23.02
C GLY B 12 2.43 17.45 22.13
N GLN B 13 2.54 17.66 20.82
CA GLN B 13 2.65 16.55 19.87
C GLN B 13 3.95 15.81 20.17
N LEU B 14 5.03 16.56 20.39
CA LEU B 14 6.34 15.92 20.63
C LEU B 14 6.20 15.04 21.88
N ARG B 15 5.60 15.56 22.94
CA ARG B 15 5.49 14.81 24.22
C ARG B 15 4.67 13.54 24.03
N ARG B 16 3.53 13.63 23.35
CA ARG B 16 2.62 12.46 23.18
C ARG B 16 3.30 11.44 22.25
N LEU B 17 3.88 11.88 21.15
CA LEU B 17 4.61 10.98 20.22
C LEU B 17 5.81 10.37 20.94
N GLY B 18 6.55 11.17 21.70
CA GLY B 18 7.71 10.64 22.42
C GLY B 18 7.31 9.53 23.38
N SER B 19 6.19 9.68 24.07
CA SER B 19 5.64 8.68 25.02
CA SER B 19 5.69 8.67 25.03
C SER B 19 5.33 7.39 24.26
N VAL B 20 4.73 7.52 23.09
CA VAL B 20 4.36 6.37 22.25
C VAL B 20 5.65 5.65 21.81
N ALA B 21 6.70 6.41 21.51
CA ALA B 21 8.01 5.89 21.06
C ALA B 21 8.80 5.32 22.25
N GLY B 22 8.31 5.43 23.48
CA GLY B 22 8.92 4.80 24.65
C GLY B 22 9.95 5.67 25.37
N LEU B 23 10.01 6.95 25.06
CA LEU B 23 10.91 7.88 25.75
C LEU B 23 10.41 8.14 27.18
N SER B 24 11.33 8.37 28.09
CA SER B 24 11.05 8.70 29.51
C SER B 24 10.38 10.08 29.62
N ARG B 25 9.73 10.37 30.75
CA ARG B 25 9.25 11.74 31.08
C ARG B 25 10.41 12.75 30.96
N ALA B 26 11.59 12.43 31.50
CA ALA B 26 12.75 13.33 31.45
C ALA B 26 13.13 13.59 30.01
N ASP B 27 13.13 12.56 29.17
CA ASP B 27 13.54 12.72 27.75
C ASP B 27 12.55 13.62 27.03
N VAL B 28 11.24 13.47 27.22
N VAL B 28 11.27 13.43 27.27
CA VAL B 28 10.29 14.33 26.46
CA VAL B 28 10.19 14.23 26.61
C VAL B 28 10.34 15.76 27.03
C VAL B 28 10.32 15.69 27.06
N GLU B 29 10.65 15.92 28.33
CA GLU B 29 10.83 17.29 28.88
C GLU B 29 12.03 17.95 28.21
N THR B 30 13.15 17.24 28.13
CA THR B 30 14.38 17.76 27.47
C THR B 30 14.04 18.15 26.03
N TYR B 31 13.40 17.26 25.28
CA TYR B 31 13.25 17.45 23.82
C TYR B 31 12.17 18.49 23.52
N ALA B 32 11.15 18.61 24.36
CA ALA B 32 10.17 19.72 24.27
C ALA B 32 10.91 21.05 24.44
N GLN B 33 11.86 21.14 25.38
CA GLN B 33 12.65 22.38 25.56
C GLN B 33 13.52 22.64 24.33
N VAL B 34 14.14 21.60 23.79
CA VAL B 34 14.98 21.72 22.58
C VAL B 34 14.15 22.28 21.42
N LEU B 35 12.97 21.72 21.17
CA LEU B 35 12.12 22.18 20.05
C LEU B 35 11.73 23.66 20.26
N THR B 36 11.28 24.05 21.44
CA THR B 36 10.87 25.46 21.68
C THR B 36 12.08 26.39 21.58
N ASP B 37 13.24 25.98 22.07
CA ASP B 37 14.51 26.70 21.86
C ASP B 37 14.78 26.87 20.36
N ALA B 38 14.58 25.82 19.56
CA ALA B 38 14.88 25.86 18.11
C ALA B 38 13.92 26.82 17.39
N LEU B 39 12.68 26.86 17.83
CA LEU B 39 11.67 27.79 17.26
C LEU B 39 11.96 29.24 17.66
N GLY B 40 12.62 29.46 18.80
CA GLY B 40 12.91 30.82 19.32
C GLY B 40 11.62 31.65 19.44
N PRO B 41 11.61 32.92 18.96
CA PRO B 41 10.45 33.78 19.18
C PRO B 41 9.13 33.21 18.63
N VAL B 42 9.15 32.44 17.53
CA VAL B 42 7.88 31.95 16.92
C VAL B 42 7.26 30.87 17.83
N ALA B 43 8.01 30.30 18.77
CA ALA B 43 7.45 29.36 19.79
C ALA B 43 6.21 29.98 20.46
N GLN B 44 6.23 31.29 20.70
CA GLN B 44 5.16 31.98 21.49
C GLN B 44 4.05 32.49 20.57
N ARG B 45 4.16 32.28 19.26
CA ARG B 45 3.18 32.81 18.27
C ARG B 45 1.87 32.07 18.45
N PRO B 46 0.74 32.75 18.74
CA PRO B 46 -0.56 32.07 18.78
C PRO B 46 -0.88 31.37 17.45
N LEU B 47 -1.56 30.22 17.51
CA LEU B 47 -2.05 29.48 16.32
C LEU B 47 -3.20 30.24 15.62
N SER B 48 -3.85 31.15 16.33
CA SER B 48 -4.93 32.02 15.79
CA SER B 48 -4.93 32.02 15.80
C SER B 48 -4.38 32.97 14.71
N LEU B 49 -3.07 33.23 14.70
CA LEU B 49 -2.38 34.03 13.64
C LEU B 49 -2.04 33.11 12.43
N ALA B 50 -1.88 33.70 11.25
CA ALA B 50 -1.43 32.98 10.03
C ALA B 50 0.00 32.45 10.23
N PRO B 51 0.41 31.40 9.49
CA PRO B 51 1.79 30.90 9.58
C PRO B 51 2.79 32.04 9.39
N PRO B 52 3.91 32.09 10.14
CA PRO B 52 4.82 33.25 10.07
C PRO B 52 5.47 33.41 8.69
N THR B 53 5.74 32.29 8.00
CA THR B 53 6.17 32.27 6.58
C THR B 53 5.50 31.09 5.89
N ARG B 54 5.40 31.13 4.56
CA ARG B 54 4.86 30.02 3.74
C ARG B 54 5.94 28.93 3.60
N THR B 55 6.40 28.32 4.72
CA THR B 55 7.55 27.40 4.72
C THR B 55 7.23 26.21 3.81
N PHE B 56 8.25 25.71 3.13
CA PHE B 56 8.19 24.52 2.25
C PHE B 56 8.27 23.24 3.13
N LEU B 57 8.45 23.38 4.45
CA LEU B 57 8.67 22.21 5.35
C LEU B 57 7.40 21.33 5.38
N SER B 58 6.22 21.92 5.35
CA SER B 58 4.97 21.14 5.31
C SER B 58 3.93 21.86 4.48
N ASP B 59 2.90 21.14 4.05
CA ASP B 59 1.89 21.66 3.10
C ASP B 59 1.14 22.85 3.74
N ASP B 60 0.88 22.84 5.05
CA ASP B 60 0.10 23.92 5.72
C ASP B 60 1.04 24.96 6.35
N HIS B 61 2.34 24.85 6.06
CA HIS B 61 3.38 25.82 6.49
C HIS B 61 3.62 25.72 7.99
N THR B 62 3.27 24.62 8.67
CA THR B 62 3.80 24.36 10.03
C THR B 62 5.30 24.10 9.89
N PRO B 63 6.16 24.82 10.63
CA PRO B 63 7.61 24.65 10.52
C PRO B 63 8.21 23.50 11.37
N VAL B 64 7.38 22.49 11.61
CA VAL B 64 7.71 21.26 12.40
C VAL B 64 7.07 20.07 11.70
N GLU B 65 7.80 18.97 11.65
CA GLU B 65 7.28 17.69 11.16
C GLU B 65 7.89 16.62 12.04
N PHE B 66 7.23 15.50 12.19
CA PHE B 66 7.74 14.37 12.98
C PHE B 66 8.00 13.19 12.06
N SER B 67 8.78 12.24 12.52
CA SER B 67 8.87 10.92 11.87
C SER B 67 9.08 9.83 12.90
N LEU B 68 8.64 8.65 12.55
CA LEU B 68 8.95 7.43 13.29
C LEU B 68 9.55 6.42 12.32
N SER B 69 10.66 5.83 12.73
CA SER B 69 11.43 4.84 11.93
CA SER B 69 11.43 4.85 11.93
C SER B 69 11.41 3.50 12.64
N PHE B 70 10.93 2.48 11.94
CA PHE B 70 10.72 1.12 12.48
C PHE B 70 11.76 0.17 11.89
N ARG B 71 12.40 -0.60 12.74
CA ARG B 71 13.35 -1.65 12.33
C ARG B 71 12.99 -2.87 13.17
N PRO B 72 12.98 -4.09 12.60
CA PRO B 72 12.55 -5.27 13.37
C PRO B 72 13.39 -5.41 14.65
N GLY B 73 12.70 -5.64 15.77
CA GLY B 73 13.31 -5.88 17.10
C GLY B 73 14.04 -4.68 17.65
N ALA B 74 13.79 -3.50 17.11
CA ALA B 74 14.31 -2.25 17.71
C ALA B 74 13.14 -1.43 18.19
N ALA B 75 13.37 -0.63 19.21
CA ALA B 75 12.43 0.41 19.61
C ALA B 75 12.27 1.37 18.43
N PRO B 76 11.06 1.91 18.26
CA PRO B 76 10.77 2.92 17.26
C PRO B 76 11.71 4.14 17.47
N ALA B 77 12.23 4.73 16.39
CA ALA B 77 13.14 5.89 16.46
C ALA B 77 12.38 7.14 16.03
N MET B 78 12.30 8.11 16.90
CA MET B 78 11.51 9.33 16.64
C MET B 78 12.45 10.44 16.20
N ARG B 79 12.00 11.24 15.26
CA ARG B 79 12.73 12.45 14.79
CA ARG B 79 12.72 12.47 14.87
C ARG B 79 11.75 13.63 14.78
N VAL B 80 12.29 14.82 14.97
CA VAL B 80 11.57 16.07 14.75
C VAL B 80 12.40 16.92 13.81
N LEU B 81 11.73 17.45 12.80
CA LEU B 81 12.31 18.32 11.77
C LEU B 81 11.77 19.74 12.04
N VAL B 82 12.63 20.72 12.06
CA VAL B 82 12.22 22.12 12.38
C VAL B 82 12.96 23.08 11.43
N GLU B 83 12.30 24.16 11.08
CA GLU B 83 12.92 25.30 10.37
C GLU B 83 13.08 26.42 11.39
N PRO B 84 14.26 26.58 12.03
CA PRO B 84 14.42 27.60 13.08
C PRO B 84 14.21 29.04 12.54
N GLY B 85 14.50 29.27 11.27
CA GLY B 85 14.44 30.61 10.65
C GLY B 85 13.07 30.95 10.10
N CYS B 86 12.02 30.22 10.46
CA CYS B 86 10.69 30.32 9.81
CA CYS B 86 10.69 30.33 9.80
C CYS B 86 10.03 31.68 10.12
N GLY B 87 10.52 32.40 11.13
CA GLY B 87 10.01 33.74 11.49
C GLY B 87 10.61 34.86 10.64
N ALA B 88 11.72 34.59 9.93
CA ALA B 88 12.56 35.65 9.32
C ALA B 88 11.82 36.31 8.14
N THR B 89 12.17 37.56 7.83
CA THR B 89 11.54 38.36 6.73
C THR B 89 12.32 38.21 5.42
N SER B 90 13.42 37.48 5.43
CA SER B 90 14.19 37.17 4.20
C SER B 90 14.80 35.77 4.32
N LEU B 91 15.07 35.12 3.21
CA LEU B 91 15.69 33.77 3.17
C LEU B 91 17.10 33.84 3.77
N ALA B 92 17.84 34.93 3.57
CA ALA B 92 19.19 35.11 4.15
C ALA B 92 19.09 35.10 5.67
N ASP B 93 18.11 35.83 6.22
CA ASP B 93 17.92 35.90 7.69
C ASP B 93 17.42 34.55 8.18
N ASN B 94 16.59 33.87 7.38
CA ASN B 94 16.09 32.50 7.71
C ASN B 94 17.31 31.61 7.93
N GLY B 95 18.24 31.59 6.99
CA GLY B 95 19.47 30.79 7.06
C GLY B 95 20.31 31.17 8.28
N ARG B 96 20.44 32.47 8.55
CA ARG B 96 21.26 32.96 9.67
C ARG B 96 20.68 32.45 11.00
N ALA B 97 19.36 32.56 11.18
CA ALA B 97 18.65 32.05 12.37
C ALA B 97 18.81 30.53 12.44
N GLY B 98 18.75 29.84 11.31
CA GLY B 98 18.96 28.37 11.27
C GLY B 98 20.35 28.02 11.77
N LEU B 99 21.35 28.73 11.31
CA LEU B 99 22.75 28.45 11.73
C LEU B 99 22.88 28.73 13.22
N GLU B 100 22.29 29.81 13.72
N GLU B 100 22.29 29.83 13.68
CA GLU B 100 22.43 30.14 15.17
CA GLU B 100 22.33 30.24 15.10
C GLU B 100 21.75 29.05 16.00
C GLU B 100 21.72 29.12 15.98
N ALA B 101 20.63 28.52 15.53
CA ALA B 101 19.91 27.42 16.23
C ALA B 101 20.83 26.20 16.29
N VAL B 102 21.52 25.89 15.19
CA VAL B 102 22.47 24.74 15.17
C VAL B 102 23.62 25.03 16.11
N ARG B 103 24.14 26.25 16.11
CA ARG B 103 25.29 26.63 16.96
C ARG B 103 24.84 26.54 18.42
N THR B 104 23.61 26.92 18.72
CA THR B 104 23.06 26.79 20.10
C THR B 104 23.07 25.30 20.49
N MET B 105 22.65 24.41 19.59
CA MET B 105 22.67 22.95 19.87
C MET B 105 24.12 22.47 20.10
N ALA B 106 25.06 22.94 19.27
CA ALA B 106 26.48 22.52 19.33
C ALA B 106 27.05 22.94 20.70
N ARG B 107 26.68 24.12 21.18
CA ARG B 107 27.13 24.61 22.52
C ARG B 107 26.47 23.77 23.60
N ARG B 108 25.21 23.40 23.43
CA ARG B 108 24.43 22.65 24.42
C ARG B 108 25.03 21.26 24.62
N TRP B 109 25.32 20.57 23.54
CA TRP B 109 25.78 19.16 23.62
C TRP B 109 27.29 19.10 23.39
N HIS B 110 27.92 20.27 23.23
N HIS B 110 27.92 20.27 23.22
CA HIS B 110 29.40 20.45 23.24
CA HIS B 110 29.40 20.43 23.26
C HIS B 110 30.00 19.57 22.15
C HIS B 110 30.02 19.59 22.14
N PHE B 111 29.49 19.73 20.92
CA PHE B 111 30.04 19.07 19.71
C PHE B 111 30.48 20.18 18.76
N THR B 112 31.34 19.83 17.81
CA THR B 112 31.89 20.75 16.78
C THR B 112 30.99 20.72 15.55
N THR B 113 30.99 21.82 14.80
CA THR B 113 30.22 21.98 13.55
C THR B 113 31.19 22.12 12.36
N ASP B 114 32.41 21.57 12.47
CA ASP B 114 33.47 21.67 11.42
C ASP B 114 32.88 21.37 10.04
N ALA B 115 32.20 20.24 9.89
CA ALA B 115 31.66 19.76 8.60
C ALA B 115 30.67 20.79 8.03
N LEU B 116 29.83 21.41 8.85
CA LEU B 116 28.89 22.46 8.41
C LEU B 116 29.68 23.74 8.09
N ASP B 117 30.59 24.11 8.98
CA ASP B 117 31.35 25.38 8.86
C ASP B 117 32.00 25.43 7.48
N GLU B 118 32.54 24.30 7.02
CA GLU B 118 33.30 24.19 5.75
C GLU B 118 32.39 24.44 4.53
N LEU B 119 31.06 24.49 4.70
CA LEU B 119 30.11 24.55 3.56
C LEU B 119 29.36 25.89 3.50
N LEU B 120 29.53 26.80 4.46
CA LEU B 120 28.58 27.93 4.66
C LEU B 120 28.65 28.90 3.46
N ASP B 121 29.82 29.03 2.82
CA ASP B 121 30.01 29.91 1.64
C ASP B 121 29.19 29.36 0.46
N LEU B 122 29.04 28.04 0.37
CA LEU B 122 28.26 27.36 -0.70
C LEU B 122 26.76 27.53 -0.42
N PHE B 123 26.30 27.31 0.82
CA PHE B 123 24.87 27.02 1.09
C PHE B 123 24.16 28.17 1.77
N LEU B 124 24.89 29.08 2.42
CA LEU B 124 24.29 30.31 2.99
C LEU B 124 24.93 31.52 2.34
N PRO B 125 24.77 31.72 1.01
CA PRO B 125 25.27 32.91 0.33
C PRO B 125 24.39 34.14 0.53
N PRO B 126 24.88 35.35 0.15
CA PRO B 126 24.15 36.61 0.38
C PRO B 126 22.72 36.75 -0.20
N ALA B 127 22.47 36.34 -1.44
CA ALA B 127 21.16 36.51 -2.14
C ALA B 127 20.59 35.14 -2.47
N PRO B 128 20.21 34.35 -1.44
CA PRO B 128 19.89 32.94 -1.66
C PRO B 128 18.53 32.72 -2.32
N GLN B 129 18.43 31.65 -3.10
CA GLN B 129 17.17 31.20 -3.74
C GLN B 129 16.55 30.11 -2.86
N GLY B 130 15.23 30.01 -2.89
CA GLY B 130 14.43 29.05 -2.11
C GLY B 130 14.64 27.65 -2.65
N PRO B 131 13.85 26.65 -2.20
CA PRO B 131 12.77 26.86 -1.23
C PRO B 131 13.11 26.80 0.27
N LEU B 132 14.37 26.55 0.63
CA LEU B 132 14.81 26.57 2.05
C LEU B 132 16.23 27.10 2.12
N ALA B 133 16.62 27.46 3.33
CA ALA B 133 18.00 27.86 3.67
C ALA B 133 18.61 26.80 4.61
N LEU B 134 17.91 26.44 5.69
CA LEU B 134 18.45 25.45 6.66
C LEU B 134 17.32 24.84 7.51
N TRP B 135 17.22 23.52 7.50
CA TRP B 135 16.35 22.79 8.43
C TRP B 135 17.25 21.93 9.31
N CYS B 136 16.72 21.58 10.46
N CYS B 136 16.79 21.72 10.56
CA CYS B 136 17.44 20.73 11.42
CA CYS B 136 17.42 20.84 11.59
C CYS B 136 16.51 19.60 11.81
C CYS B 136 16.49 19.62 11.79
N ALA B 137 17.03 18.38 11.76
CA ALA B 137 16.32 17.19 12.24
C ALA B 137 17.01 16.69 13.49
N LEU B 138 16.23 16.41 14.52
CA LEU B 138 16.77 15.86 15.78
C LEU B 138 16.26 14.45 15.94
N GLU B 139 17.17 13.50 16.09
N GLU B 139 17.16 13.48 16.06
CA GLU B 139 16.81 12.11 16.44
CA GLU B 139 16.83 12.08 16.43
C GLU B 139 16.72 12.05 17.96
C GLU B 139 16.73 12.02 17.95
N LEU B 140 15.53 11.78 18.47
CA LEU B 140 15.22 11.91 19.89
C LEU B 140 15.62 10.62 20.61
N ARG B 141 16.91 10.52 20.88
CA ARG B 141 17.54 9.34 21.52
C ARG B 141 17.20 9.31 23.00
N PRO B 142 16.96 8.11 23.55
CA PRO B 142 16.87 7.95 25.00
C PRO B 142 18.13 8.52 25.67
N GLY B 143 17.95 9.30 26.74
CA GLY B 143 19.01 9.93 27.54
C GLY B 143 19.19 11.41 27.26
N GLY B 144 18.55 11.95 26.24
CA GLY B 144 18.45 13.42 26.08
C GLY B 144 19.54 14.04 25.25
N VAL B 145 20.43 13.25 24.67
CA VAL B 145 21.46 13.76 23.73
C VAL B 145 21.08 13.27 22.33
N PRO B 146 20.55 14.15 21.48
CA PRO B 146 20.00 13.72 20.21
C PRO B 146 21.06 13.62 19.11
N GLY B 147 20.74 12.88 18.07
CA GLY B 147 21.39 13.04 16.76
C GLY B 147 20.94 14.34 16.15
N VAL B 148 21.86 15.05 15.50
CA VAL B 148 21.57 16.34 14.87
C VAL B 148 21.92 16.23 13.39
N LYS B 149 20.96 16.55 12.53
CA LYS B 149 21.14 16.51 11.07
C LYS B 149 20.74 17.86 10.50
N VAL B 150 21.58 18.40 9.65
CA VAL B 150 21.33 19.73 9.03
C VAL B 150 21.05 19.51 7.56
N TYR B 151 19.98 20.11 7.07
CA TYR B 151 19.54 20.06 5.65
C TYR B 151 19.81 21.41 4.99
N LEU B 152 20.51 21.38 3.87
CA LEU B 152 20.89 22.61 3.11
C LEU B 152 20.39 22.46 1.68
N ASN B 153 20.42 23.55 0.93
CA ASN B 153 19.73 23.65 -0.38
C ASN B 153 20.73 23.71 -1.53
N PRO B 154 20.98 22.61 -2.27
CA PRO B 154 21.90 22.65 -3.42
C PRO B 154 21.54 23.69 -4.48
N ALA B 155 20.27 24.08 -4.58
CA ALA B 155 19.71 25.01 -5.60
C ALA B 155 19.66 26.44 -5.05
N VAL B 156 20.50 26.73 -4.06
CA VAL B 156 20.57 28.07 -3.41
C VAL B 156 21.05 29.12 -4.43
N GLY B 157 21.84 28.70 -5.42
CA GLY B 157 22.33 29.56 -6.53
C GLY B 157 21.68 29.21 -7.87
N GLY B 158 20.43 28.70 -7.83
CA GLY B 158 19.69 28.18 -8.99
C GLY B 158 19.98 26.70 -9.25
N GLU B 159 19.09 26.06 -10.00
CA GLU B 159 19.12 24.60 -10.35
C GLU B 159 20.33 24.26 -11.25
N GLU B 160 20.77 25.21 -12.09
CA GLU B 160 21.97 25.04 -12.98
C GLU B 160 23.19 24.70 -12.11
N ARG B 161 23.37 25.38 -10.98
CA ARG B 161 24.58 25.24 -10.12
C ARG B 161 24.39 24.11 -9.08
N SER B 162 23.23 23.46 -9.04
CA SER B 162 22.94 22.42 -8.02
C SER B 162 24.01 21.31 -8.09
N ALA B 163 24.26 20.74 -9.26
CA ALA B 163 25.14 19.56 -9.39
C ALA B 163 26.57 19.90 -8.98
N ALA B 164 27.13 21.01 -9.47
CA ALA B 164 28.49 21.50 -9.13
C ALA B 164 28.58 21.79 -7.61
N THR B 165 27.50 22.29 -7.02
CA THR B 165 27.42 22.58 -5.56
C THR B 165 27.57 21.30 -4.74
N VAL B 166 26.81 20.26 -5.12
CA VAL B 166 26.87 18.93 -4.47
C VAL B 166 28.27 18.35 -4.64
N ARG B 167 28.82 18.39 -5.85
CA ARG B 167 30.15 17.80 -6.14
C ARG B 167 31.18 18.47 -5.21
N GLU B 168 31.17 19.80 -5.13
CA GLU B 168 32.14 20.58 -4.32
C GLU B 168 31.94 20.30 -2.83
N ALA B 169 30.69 20.21 -2.35
CA ALA B 169 30.39 19.94 -0.93
C ALA B 169 30.93 18.55 -0.55
N LEU B 170 30.66 17.53 -1.37
CA LEU B 170 31.19 16.17 -1.13
C LEU B 170 32.73 16.20 -1.15
N ARG B 171 33.34 16.98 -2.05
CA ARG B 171 34.83 17.06 -2.15
C ARG B 171 35.39 17.68 -0.84
N ARG B 172 34.78 18.75 -0.36
CA ARG B 172 35.19 19.44 0.90
C ARG B 172 35.01 18.54 2.13
N LEU B 173 34.05 17.61 2.10
CA LEU B 173 33.80 16.65 3.21
C LEU B 173 34.70 15.41 3.06
N GLY B 174 35.67 15.46 2.14
CA GLY B 174 36.73 14.44 1.97
C GLY B 174 36.25 13.23 1.17
N HIS B 175 35.21 13.39 0.35
CA HIS B 175 34.63 12.31 -0.49
C HIS B 175 35.10 12.44 -1.96
N HIS B 176 36.11 13.28 -2.21
CA HIS B 176 36.81 13.39 -3.53
C HIS B 176 35.76 13.52 -4.64
N GLN B 177 35.66 12.58 -5.57
CA GLN B 177 34.71 12.68 -6.72
C GLN B 177 33.52 11.72 -6.50
N ALA B 178 33.09 11.56 -5.24
CA ALA B 178 31.91 10.76 -4.84
C ALA B 178 30.68 11.13 -5.68
N PHE B 179 30.56 12.39 -6.14
CA PHE B 179 29.38 12.88 -6.91
C PHE B 179 29.10 11.95 -8.10
N ASP B 180 30.16 11.46 -8.73
CA ASP B 180 30.06 10.65 -9.97
C ASP B 180 29.45 9.27 -9.68
N SER B 181 29.43 8.85 -8.40
CA SER B 181 28.87 7.55 -7.98
C SER B 181 27.34 7.63 -7.90
N LEU B 182 26.76 8.84 -7.95
CA LEU B 182 25.30 9.04 -7.76
C LEU B 182 24.57 8.69 -9.05
N PRO B 183 23.34 8.14 -8.95
CA PRO B 183 22.50 7.99 -10.13
C PRO B 183 21.98 9.36 -10.55
N GLN B 184 21.33 9.42 -11.70
CA GLN B 184 20.80 10.68 -12.25
C GLN B 184 19.35 10.83 -11.77
N GLY B 185 18.91 12.07 -11.64
CA GLY B 185 17.56 12.40 -11.17
C GLY B 185 17.11 13.68 -11.79
N SER B 186 16.04 14.27 -11.27
CA SER B 186 15.41 15.50 -11.83
CA SER B 186 15.41 15.50 -11.83
C SER B 186 15.90 16.74 -11.08
N GLY B 187 16.77 16.55 -10.09
CA GLY B 187 17.34 17.66 -9.31
C GLY B 187 17.87 17.17 -7.98
N TYR B 188 18.42 18.10 -7.19
CA TYR B 188 19.09 17.87 -5.89
C TYR B 188 18.38 18.72 -4.83
N PRO B 189 17.24 18.25 -4.27
CA PRO B 189 16.45 19.03 -3.34
C PRO B 189 17.18 19.34 -2.02
N PHE B 190 18.03 18.42 -1.54
CA PHE B 190 18.73 18.60 -0.25
C PHE B 190 20.13 18.02 -0.31
N LEU B 191 21.03 18.64 0.44
CA LEU B 191 22.23 17.98 0.98
C LEU B 191 22.12 18.01 2.50
N ALA B 192 22.37 16.89 3.17
CA ALA B 192 22.29 16.86 4.65
C ALA B 192 23.60 16.34 5.25
N LEU B 193 23.84 16.74 6.50
CA LEU B 193 25.06 16.40 7.27
C LEU B 193 24.64 15.93 8.65
N ASP B 194 25.30 14.92 9.19
CA ASP B 194 25.18 14.59 10.63
C ASP B 194 26.20 15.36 11.43
N LEU B 195 25.79 15.87 12.58
CA LEU B 195 26.67 16.55 13.55
C LEU B 195 26.54 15.81 14.87
N GLY B 196 27.55 15.89 15.73
CA GLY B 196 27.46 15.29 17.07
C GLY B 196 28.67 14.45 17.41
N ASN B 197 28.77 14.07 18.68
CA ASN B 197 29.89 13.29 19.26
C ASN B 197 29.57 11.78 19.13
N TRP B 198 28.28 11.41 19.04
CA TRP B 198 27.79 9.99 19.09
C TRP B 198 27.10 9.62 17.77
N THR B 199 27.51 10.26 16.69
CA THR B 199 27.17 9.91 15.28
C THR B 199 28.47 9.93 14.46
N GLU B 200 28.56 9.05 13.45
CA GLU B 200 29.62 9.09 12.41
C GLU B 200 29.29 10.25 11.46
N PRO B 201 30.30 11.04 11.00
CA PRO B 201 30.05 12.18 10.11
C PRO B 201 29.56 11.81 8.68
N ARG B 202 28.26 11.58 8.54
CA ARG B 202 27.63 11.10 7.28
C ARG B 202 27.16 12.30 6.45
N ALA B 203 27.46 12.29 5.15
CA ALA B 203 27.01 13.26 4.14
C ALA B 203 25.96 12.58 3.26
N LYS B 204 24.82 13.23 3.06
CA LYS B 204 23.61 12.64 2.41
C LYS B 204 23.18 13.54 1.26
N VAL B 205 22.98 12.98 0.07
CA VAL B 205 22.48 13.70 -1.11
C VAL B 205 21.10 13.20 -1.47
N TYR B 206 20.15 14.11 -1.60
CA TYR B 206 18.76 13.81 -2.00
C TYR B 206 18.63 14.13 -3.48
N LEU B 207 17.92 13.24 -4.18
CA LEU B 207 17.58 13.33 -5.62
C LEU B 207 16.06 13.37 -5.75
N ARG B 208 15.59 14.26 -6.60
CA ARG B 208 14.16 14.31 -7.01
CA ARG B 208 14.17 14.34 -7.02
C ARG B 208 13.97 13.32 -8.17
N HIS B 209 12.86 12.60 -8.20
CA HIS B 209 12.56 11.65 -9.29
C HIS B 209 11.14 11.89 -9.77
N ASP B 210 10.98 12.61 -10.87
CA ASP B 210 9.66 12.85 -11.49
C ASP B 210 9.22 11.57 -12.20
N ASN B 211 7.95 11.25 -12.17
CA ASN B 211 7.37 10.10 -12.92
C ASN B 211 8.12 8.82 -12.58
N LEU B 212 8.40 8.58 -11.31
CA LEU B 212 9.10 7.34 -10.91
C LEU B 212 8.19 6.12 -11.12
N THR B 213 8.81 5.01 -11.51
CA THR B 213 8.16 3.69 -11.63
C THR B 213 8.83 2.71 -10.68
N ALA B 214 8.17 1.58 -10.45
CA ALA B 214 8.71 0.50 -9.59
C ALA B 214 10.04 0.04 -10.15
N GLY B 215 10.11 -0.17 -11.48
CA GLY B 215 11.34 -0.62 -12.15
C GLY B 215 12.45 0.37 -11.97
N ARG B 216 12.20 1.63 -12.25
CA ARG B 216 13.24 2.67 -12.06
C ARG B 216 13.69 2.68 -10.58
N ALA B 217 12.76 2.60 -9.63
CA ALA B 217 13.07 2.57 -8.18
C ALA B 217 14.05 1.43 -7.86
N ALA B 218 13.79 0.24 -8.38
CA ALA B 218 14.66 -0.95 -8.18
C ALA B 218 16.04 -0.70 -8.78
N ARG B 219 16.09 -0.05 -9.95
CA ARG B 219 17.36 0.29 -10.65
C ARG B 219 18.15 1.26 -9.77
N LEU B 220 17.49 2.25 -9.17
CA LEU B 220 18.17 3.25 -8.31
C LEU B 220 18.77 2.55 -7.08
N SER B 221 18.18 1.43 -6.65
CA SER B 221 18.54 0.71 -5.40
C SER B 221 19.58 -0.39 -5.68
N ARG B 222 20.09 -0.51 -6.92
CA ARG B 222 20.96 -1.65 -7.36
C ARG B 222 22.44 -1.34 -7.05
N THR B 223 22.72 -0.83 -5.86
CA THR B 223 24.08 -0.71 -5.28
C THR B 223 24.10 -1.39 -3.89
N ASP B 224 25.30 -1.56 -3.32
CA ASP B 224 25.54 -2.17 -1.99
C ASP B 224 25.17 -1.15 -0.90
N SER B 225 23.89 -0.80 -0.80
CA SER B 225 23.40 0.33 0.02
C SER B 225 22.18 -0.08 0.86
N GLY B 226 21.86 -1.37 0.90
CA GLY B 226 21.11 -1.99 2.01
C GLY B 226 19.72 -2.49 1.67
N LEU B 227 19.27 -2.40 0.41
CA LEU B 227 17.91 -2.85 0.00
C LEU B 227 17.99 -3.85 -1.16
N VAL B 228 17.07 -4.83 -1.18
CA VAL B 228 16.83 -5.83 -2.27
C VAL B 228 15.88 -5.22 -3.33
N PRO B 229 16.31 -5.10 -4.61
CA PRO B 229 15.46 -4.56 -5.67
C PRO B 229 13.98 -5.02 -5.72
N THR B 230 13.70 -6.33 -5.59
CA THR B 230 12.29 -6.84 -5.69
C THR B 230 11.45 -6.27 -4.54
N ALA B 231 12.05 -6.07 -3.36
CA ALA B 231 11.39 -5.50 -2.18
C ALA B 231 11.19 -3.99 -2.37
N VAL B 232 12.13 -3.32 -3.06
CA VAL B 232 11.97 -1.86 -3.37
C VAL B 232 10.77 -1.75 -4.32
N GLU B 233 10.67 -2.65 -5.32
CA GLU B 233 9.50 -2.66 -6.24
C GLU B 233 8.20 -2.87 -5.43
N GLY B 234 8.20 -3.81 -4.50
CA GLY B 234 6.99 -4.10 -3.72
C GLY B 234 6.62 -2.89 -2.88
N PHE B 235 7.59 -2.23 -2.27
CA PHE B 235 7.38 -1.00 -1.46
C PHE B 235 6.75 0.07 -2.33
N PHE B 236 7.31 0.30 -3.52
CA PHE B 236 6.77 1.30 -4.45
C PHE B 236 5.28 1.03 -4.72
N ARG B 237 4.95 -0.23 -5.08
N ARG B 237 4.91 -0.21 -5.05
CA ARG B 237 3.57 -0.69 -5.39
CA ARG B 237 3.52 -0.55 -5.40
C ARG B 237 2.67 -0.42 -4.19
C ARG B 237 2.61 -0.44 -4.18
N THR B 238 3.08 -0.83 -3.00
CA THR B 238 2.24 -0.73 -1.79
C THR B 238 2.01 0.75 -1.47
N ALA B 239 3.06 1.56 -1.47
CA ALA B 239 2.97 2.98 -1.08
C ALA B 239 2.18 3.80 -2.12
N ALA B 240 2.41 3.57 -3.42
CA ALA B 240 1.77 4.33 -4.53
C ALA B 240 0.30 3.91 -4.71
N GLY B 241 -0.03 2.65 -4.43
CA GLY B 241 -1.40 2.14 -4.53
C GLY B 241 -1.76 1.74 -5.96
N PRO B 242 -2.98 1.21 -6.13
CA PRO B 242 -3.40 0.58 -7.39
C PRO B 242 -3.69 1.60 -8.49
N GLY B 243 -4.08 2.80 -8.09
CA GLY B 243 -4.49 3.86 -9.01
C GLY B 243 -3.30 4.51 -9.65
N SER B 244 -2.10 4.27 -9.13
CA SER B 244 -0.87 4.99 -9.57
C SER B 244 -0.91 5.05 -11.09
N ASP B 245 -0.91 6.27 -11.63
CA ASP B 245 -0.99 6.56 -13.08
C ASP B 245 0.00 5.70 -13.86
N ALA B 246 -0.43 5.11 -14.98
CA ALA B 246 0.46 4.70 -16.09
C ALA B 246 1.34 5.90 -16.42
N GLY B 247 2.64 5.70 -16.67
CA GLY B 247 3.60 6.79 -16.94
C GLY B 247 4.34 7.23 -15.68
N GLY B 248 4.14 6.55 -14.55
CA GLY B 248 4.90 6.79 -13.31
C GLY B 248 4.17 7.72 -12.36
N LEU B 249 4.73 7.97 -11.17
CA LEU B 249 4.09 8.83 -10.13
C LEU B 249 4.14 10.27 -10.60
N ASP B 250 2.97 10.90 -10.85
CA ASP B 250 2.84 12.35 -11.18
C ASP B 250 2.10 13.10 -10.04
N GLY B 251 2.21 12.63 -8.81
CA GLY B 251 2.09 13.53 -7.65
C GLY B 251 3.33 14.38 -7.57
N ARG B 252 3.60 14.97 -6.42
CA ARG B 252 4.90 15.60 -6.19
C ARG B 252 5.92 14.47 -6.36
N PRO B 253 7.16 14.78 -6.73
CA PRO B 253 8.11 13.73 -7.01
C PRO B 253 8.39 12.83 -5.78
N ALA B 254 8.64 11.56 -6.06
CA ALA B 254 9.46 10.70 -5.18
C ALA B 254 10.86 11.32 -5.00
N GLN B 255 11.54 10.93 -3.94
CA GLN B 255 12.93 11.32 -3.70
C GLN B 255 13.73 10.11 -3.29
N SER B 256 15.03 10.17 -3.54
CA SER B 256 15.99 9.20 -2.97
C SER B 256 17.02 9.96 -2.16
N CYS B 257 17.62 9.28 -1.20
CA CYS B 257 18.73 9.78 -0.38
C CYS B 257 19.88 8.78 -0.57
N HIS B 258 21.10 9.29 -0.73
CA HIS B 258 22.35 8.50 -0.91
C HIS B 258 23.31 8.93 0.19
N SER B 259 23.69 8.01 1.08
CA SER B 259 24.51 8.29 2.29
C SER B 259 25.97 7.90 2.06
N PHE B 260 26.88 8.83 2.30
CA PHE B 260 28.35 8.61 2.31
C PHE B 260 28.81 8.58 3.77
N THR B 261 29.11 7.39 4.29
CA THR B 261 29.30 7.16 5.74
C THR B 261 30.79 7.00 6.07
N ASP B 262 31.54 6.26 5.25
CA ASP B 262 32.99 5.99 5.52
C ASP B 262 33.82 7.20 5.11
N PRO B 263 34.74 7.68 5.98
CA PRO B 263 35.55 8.85 5.64
C PRO B 263 36.39 8.54 4.39
N GLY B 264 36.33 9.42 3.39
CA GLY B 264 37.14 9.31 2.16
C GLY B 264 36.51 8.42 1.11
N ALA B 265 35.39 7.77 1.43
CA ALA B 265 34.67 6.84 0.52
C ALA B 265 34.09 7.65 -0.63
N GLU B 266 34.05 7.08 -1.83
CA GLU B 266 33.53 7.76 -3.05
C GLU B 266 32.16 7.18 -3.47
N ARG B 267 31.74 6.06 -2.89
CA ARG B 267 30.45 5.39 -3.24
C ARG B 267 29.57 5.37 -2.00
N PRO B 268 28.26 5.62 -2.13
CA PRO B 268 27.36 5.61 -0.96
C PRO B 268 27.13 4.22 -0.34
N SER B 269 26.86 4.19 0.96
CA SER B 269 26.67 2.97 1.79
C SER B 269 25.19 2.80 2.14
N GLY B 270 24.39 3.83 1.87
CA GLY B 270 22.96 3.91 2.23
C GLY B 270 22.12 4.51 1.14
N PHE B 271 20.87 4.05 1.04
CA PHE B 271 19.88 4.46 0.04
C PHE B 271 18.51 4.45 0.70
N THR B 272 17.78 5.55 0.61
CA THR B 272 16.36 5.62 1.04
C THR B 272 15.50 6.03 -0.13
N LEU B 273 14.35 5.39 -0.31
CA LEU B 273 13.33 5.82 -1.29
C LEU B 273 12.19 6.47 -0.52
N TYR B 274 11.79 7.68 -0.88
CA TYR B 274 10.67 8.41 -0.25
C TYR B 274 9.51 8.49 -1.23
N ILE B 275 8.33 8.08 -0.82
N ILE B 275 8.32 8.06 -0.83
CA ILE B 275 7.08 8.21 -1.64
CA ILE B 275 7.08 8.17 -1.62
C ILE B 275 6.11 9.11 -0.89
C ILE B 275 6.12 9.11 -0.89
N PRO B 276 5.67 10.24 -1.51
CA PRO B 276 4.73 11.17 -0.86
C PRO B 276 3.32 10.62 -0.88
N VAL B 277 3.05 9.70 0.01
CA VAL B 277 1.82 8.90 0.02
C VAL B 277 0.60 9.82 0.13
N ARG B 278 0.70 10.97 0.80
CA ARG B 278 -0.47 11.89 0.93
C ARG B 278 -1.03 12.26 -0.45
N ASP B 279 -0.20 12.25 -1.49
CA ASP B 279 -0.62 12.64 -2.87
C ASP B 279 -1.35 11.48 -3.57
N TYR B 280 -1.32 10.28 -3.02
CA TYR B 280 -1.77 9.08 -3.75
C TYR B 280 -2.87 8.37 -2.95
N VAL B 281 -3.52 9.05 -1.98
CA VAL B 281 -4.57 8.44 -1.12
C VAL B 281 -5.72 9.42 -1.00
N ARG B 282 -6.90 8.89 -0.67
CA ARG B 282 -8.14 9.67 -0.43
C ARG B 282 -8.06 10.33 0.94
N HIS B 283 -7.41 9.68 1.90
CA HIS B 283 -7.40 10.09 3.33
C HIS B 283 -6.37 9.28 4.10
N ASP B 284 -6.12 9.66 5.34
CA ASP B 284 -5.09 9.01 6.17
C ASP B 284 -5.48 7.58 6.52
N GLY B 285 -6.76 7.19 6.46
CA GLY B 285 -7.12 5.75 6.61
C GLY B 285 -6.41 4.88 5.58
N GLU B 286 -6.43 5.32 4.34
CA GLU B 286 -5.81 4.58 3.24
C GLU B 286 -4.28 4.62 3.42
N ALA B 287 -3.72 5.76 3.78
CA ALA B 287 -2.25 5.86 3.99
C ALA B 287 -1.83 4.92 5.14
N LEU B 288 -2.61 4.90 6.23
CA LEU B 288 -2.30 4.04 7.40
C LEU B 288 -2.36 2.56 6.97
N ALA B 289 -3.30 2.20 6.10
CA ALA B 289 -3.42 0.80 5.62
C ALA B 289 -2.18 0.44 4.78
N ARG B 290 -1.73 1.35 3.92
CA ARG B 290 -0.52 1.13 3.11
C ARG B 290 0.72 1.00 4.03
N ALA B 291 0.88 1.91 4.98
CA ALA B 291 2.01 1.91 5.93
C ALA B 291 2.02 0.60 6.72
N SER B 292 0.85 0.17 7.20
CA SER B 292 0.71 -1.06 8.00
C SER B 292 1.15 -2.25 7.13
N THR B 293 0.75 -2.26 5.88
CA THR B 293 1.10 -3.33 4.94
C THR B 293 2.62 -3.38 4.74
N VAL B 294 3.24 -2.24 4.54
CA VAL B 294 4.72 -2.19 4.40
C VAL B 294 5.33 -2.78 5.68
N LEU B 295 4.84 -2.36 6.83
CA LEU B 295 5.40 -2.85 8.11
C LEU B 295 5.23 -4.37 8.23
N HIS B 296 4.06 -4.91 7.90
CA HIS B 296 3.85 -6.39 7.94
C HIS B 296 4.83 -7.06 6.97
N HIS B 297 5.00 -6.52 5.78
CA HIS B 297 5.90 -7.13 4.78
C HIS B 297 7.33 -7.18 5.31
N HIS B 298 7.68 -6.30 6.22
CA HIS B 298 9.04 -6.18 6.79
C HIS B 298 9.09 -6.79 8.19
N GLY B 299 8.08 -7.56 8.58
CA GLY B 299 8.10 -8.35 9.81
C GLY B 299 7.96 -7.48 11.03
N MET B 300 7.21 -6.40 10.91
CA MET B 300 6.90 -5.54 12.06
C MET B 300 5.38 -5.34 12.18
N ASP B 301 4.90 -5.16 13.39
CA ASP B 301 3.49 -4.82 13.67
C ASP B 301 3.36 -3.30 13.53
N ALA B 302 2.16 -2.82 13.32
CA ALA B 302 1.90 -1.40 13.05
C ALA B 302 1.25 -0.74 14.28
N SER B 303 1.28 -1.36 15.46
CA SER B 303 0.56 -0.82 16.65
C SER B 303 1.11 0.56 17.01
N VAL B 304 2.43 0.74 17.08
CA VAL B 304 3.08 2.03 17.45
C VAL B 304 2.67 3.10 16.42
N LEU B 305 2.64 2.75 15.13
CA LEU B 305 2.23 3.76 14.13
C LEU B 305 0.78 4.15 14.38
N HIS B 306 -0.10 3.21 14.72
CA HIS B 306 -1.50 3.58 14.98
C HIS B 306 -1.57 4.45 16.26
N ARG B 307 -0.80 4.11 17.28
CA ARG B 307 -0.73 4.90 18.54
C ARG B 307 -0.23 6.31 18.19
N ALA B 308 0.71 6.42 17.28
CA ALA B 308 1.31 7.71 16.89
C ALA B 308 0.25 8.58 16.23
N LEU B 309 -0.54 8.05 15.29
N LEU B 309 -0.53 8.05 15.29
CA LEU B 309 -1.55 8.90 14.62
CA LEU B 309 -1.55 8.89 14.61
C LEU B 309 -2.60 9.32 15.65
C LEU B 309 -2.59 9.32 15.64
N ALA B 310 -2.94 8.44 16.60
CA ALA B 310 -3.94 8.72 17.65
C ALA B 310 -3.41 9.81 18.58
N ALA B 311 -2.09 10.01 18.65
CA ALA B 311 -1.44 11.10 19.41
C ALA B 311 -1.56 12.44 18.69
N LEU B 312 -1.88 12.46 17.40
CA LEU B 312 -1.94 13.71 16.59
C LEU B 312 -3.36 14.15 16.26
N THR B 313 -4.32 13.25 16.15
CA THR B 313 -5.69 13.60 15.71
C THR B 313 -6.68 13.03 16.71
N GLU B 314 -7.72 13.80 16.99
CA GLU B 314 -8.83 13.45 17.91
C GLU B 314 -10.02 12.88 17.12
N ARG B 315 -9.90 12.75 15.80
CA ARG B 315 -10.97 12.17 14.92
C ARG B 315 -10.42 10.94 14.19
N ARG B 316 -11.30 10.12 13.62
CA ARG B 316 -10.91 8.97 12.77
C ARG B 316 -9.84 9.40 11.73
N PRO B 317 -8.84 8.54 11.37
CA PRO B 317 -7.93 8.85 10.27
C PRO B 317 -8.63 9.15 8.93
N GLU B 318 -9.78 8.54 8.67
CA GLU B 318 -10.57 8.73 7.42
C GLU B 318 -11.06 10.17 7.27
N ASP B 319 -11.06 10.96 8.35
CA ASP B 319 -11.67 12.32 8.35
C ASP B 319 -10.63 13.37 7.99
N GLY B 320 -9.48 12.94 7.53
CA GLY B 320 -8.33 13.84 7.42
C GLY B 320 -7.40 13.41 6.33
N VAL B 321 -6.56 14.37 5.97
CA VAL B 321 -5.69 14.33 4.79
C VAL B 321 -4.31 14.76 5.28
N GLY B 322 -3.27 14.03 4.92
CA GLY B 322 -1.92 14.57 5.01
C GLY B 322 -1.20 14.26 6.30
N LEU B 323 -1.84 13.63 7.28
CA LEU B 323 -1.13 13.31 8.57
C LEU B 323 0.04 12.40 8.28
N ILE B 324 -0.13 11.39 7.42
CA ILE B 324 1.05 10.62 6.89
C ILE B 324 1.46 11.28 5.59
N ALA B 325 2.55 12.04 5.60
CA ALA B 325 2.96 12.85 4.44
C ALA B 325 3.76 12.00 3.48
N TYR B 326 4.70 11.23 4.00
CA TYR B 326 5.59 10.38 3.20
C TYR B 326 5.78 9.04 3.90
N LEU B 327 6.03 8.03 3.09
CA LEU B 327 6.58 6.73 3.61
C LEU B 327 7.93 6.52 2.98
N ALA B 328 8.88 5.96 3.70
CA ALA B 328 10.22 5.71 3.18
C ALA B 328 10.67 4.32 3.53
N LEU B 329 11.44 3.73 2.63
CA LEU B 329 12.18 2.47 2.85
C LEU B 329 13.65 2.82 2.83
N ALA B 330 14.32 2.62 3.96
CA ALA B 330 15.67 3.16 4.23
C ALA B 330 16.63 1.99 4.34
N GLY B 331 17.59 1.89 3.43
CA GLY B 331 18.60 0.83 3.45
C GLY B 331 19.94 1.35 3.94
N GLN B 332 20.65 0.55 4.73
CA GLN B 332 22.06 0.85 5.10
C GLN B 332 22.82 -0.46 4.98
N ARG B 333 24.00 -0.40 4.36
CA ARG B 333 24.91 -1.56 4.19
C ARG B 333 25.04 -2.29 5.54
N ASP B 334 24.77 -3.60 5.56
CA ASP B 334 25.02 -4.53 6.70
C ASP B 334 24.02 -4.31 7.83
N GLN B 335 22.91 -3.61 7.56
CA GLN B 335 21.85 -3.30 8.56
C GLN B 335 20.51 -3.75 8.00
N PRO B 336 19.58 -4.19 8.86
CA PRO B 336 18.22 -4.46 8.41
C PRO B 336 17.60 -3.16 7.88
N PRO B 337 16.83 -3.25 6.79
CA PRO B 337 16.06 -2.11 6.30
C PRO B 337 15.13 -1.52 7.36
N ARG B 338 14.92 -0.22 7.29
CA ARG B 338 14.04 0.58 8.17
C ARG B 338 12.86 1.06 7.33
N VAL B 339 11.70 1.17 7.94
CA VAL B 339 10.50 1.78 7.32
C VAL B 339 10.18 3.05 8.11
N THR B 340 10.06 4.19 7.45
CA THR B 340 9.83 5.47 8.13
C THR B 340 8.49 6.06 7.68
N ALA B 341 7.70 6.55 8.62
CA ALA B 341 6.51 7.35 8.37
C ALA B 341 6.81 8.78 8.78
N TYR B 342 6.61 9.72 7.88
CA TYR B 342 6.72 11.17 8.14
C TYR B 342 5.33 11.68 8.47
N LEU B 343 5.17 12.26 9.65
CA LEU B 343 3.88 12.64 10.25
C LEU B 343 3.76 14.16 10.33
N SER B 344 2.70 14.70 9.77
CA SER B 344 2.48 16.16 9.73
C SER B 344 1.93 16.63 11.08
N SER B 345 2.35 17.80 11.49
CA SER B 345 1.84 18.51 12.69
C SER B 345 0.43 19.07 12.41
N GLU B 346 0.23 19.65 11.24
CA GLU B 346 -1.05 20.27 10.81
C GLU B 346 -1.55 21.29 11.85
N ALA B 347 -0.65 22.13 12.36
CA ALA B 347 -0.97 23.21 13.33
C ALA B 347 -1.87 24.26 12.66
N TYR B 348 -1.84 24.36 11.33
CA TYR B 348 -2.61 25.38 10.56
C TYR B 348 -3.63 24.71 9.65
N THR B 349 -4.16 23.57 10.07
CA THR B 349 -5.22 22.82 9.38
C THR B 349 -6.38 22.64 10.37
N VAL B 350 -7.43 23.45 10.23
CA VAL B 350 -8.64 23.40 11.10
C VAL B 350 -9.83 22.97 10.23
N ARG B 351 -10.75 22.19 10.80
CA ARG B 351 -12.04 21.77 10.15
C ARG B 351 -13.00 22.96 10.13
C1 PEG C . 12.89 15.05 2.00
O1 PEG C . 13.65 15.14 3.20
C2 PEG C . 12.24 13.72 1.85
O2 PEG C . 10.90 13.77 2.35
C3 PEG C . 10.82 13.54 3.74
C4 PEG C . 9.73 14.42 4.33
O4 PEG C . 10.23 15.40 5.23
C1 PEG D . -10.09 31.48 17.84
O1 PEG D . -10.17 30.73 16.65
C2 PEG D . -10.92 30.88 18.94
O2 PEG D . -10.53 29.54 19.16
C3 PEG D . -11.54 28.75 19.78
C4 PEG D . -11.00 28.12 21.03
O4 PEG D . -10.11 28.98 21.73
#